data_7PPF
#
_entry.id   7PPF
#
_cell.length_a   61.173
_cell.length_b   106.807
_cell.length_c   83.064
_cell.angle_alpha   90.000
_cell.angle_beta   96.270
_cell.angle_gamma   90.000
#
_symmetry.space_group_name_H-M   'P 1 21 1'
#
loop_
_entity.id
_entity.type
_entity.pdbx_description
1 polymer 'Nicotinamide phosphoribosyltransferase'
2 non-polymer 'PHOSPHATE ION'
3 non-polymer N-[4-[(4R)-1,4-dimethyl-6-oxidanylidene-4,5-dihydropyridazin-3-yl]phenyl]-5,7-dihydropyrrolo[3,4-b]pyridine-6-carboxamide
4 non-polymer 1,2-ETHANEDIOL
5 water water
#
_entity_poly.entity_id   1
_entity_poly.type   'polypeptide(L)'
_entity_poly.pdbx_seq_one_letter_code
;GMNPAAEAEFNILLATDSYKVTHYKQYPPNTSKVYSYFECREKKTENSKLRKVKYEETVFYGLQYILNKYLKGKVVTKEK
IQEAKDVYKEHFQDDVFNEKGWNYILEKYDGHLPIEIKAVPEGFVIPRGNVLFTVENTDPECYWLTNWIETILVQSWYPI
TVATNSREQKKILAKYLLETSGNLDGLEYKLHDFGYRGVSSQETAGIGASAHLVNFKGTDTVAGLALIKKYYGTKDPVPG
YSVPAAEHSTITAWGKDHEKDAFEHIVTQFSSVPVSVVSDSYDIYNACEKIWGEDLRHLIVSRSTQAPLIIRPDSGNPLD
TVLKVLEILGKKFPVTENSKGYKLLPPYLRVIQGDGVDINTLQEIVEGMKQKMWSIENIAFGSGGGLLQKLTRDLLNCSF
KCSYVVTNGLGINVFKDPVADPNKRSKKGRLSLHRTPAGNFVTLEEGKGDLEEYGQDLLHTVFKNGKVTKSYSFDEIRKN
AQLNIELEAAHH
;
_entity_poly.pdbx_strand_id   A,B
#
# COMPACT_ATOMS: atom_id res chain seq x y z
N PHE A 10 5.03 -15.69 -11.94
CA PHE A 10 6.08 -14.84 -11.30
C PHE A 10 7.46 -15.20 -11.84
N ASN A 11 8.28 -14.19 -12.15
CA ASN A 11 9.66 -14.33 -12.67
C ASN A 11 10.58 -13.44 -11.84
N ILE A 12 11.39 -14.04 -10.95
CA ILE A 12 12.32 -13.33 -10.02
C ILE A 12 13.30 -12.46 -10.83
N LEU A 13 13.53 -12.77 -12.11
CA LEU A 13 14.44 -11.98 -13.01
C LEU A 13 13.79 -10.64 -13.40
N LEU A 14 12.46 -10.50 -13.18
CA LEU A 14 11.70 -9.24 -13.47
C LEU A 14 11.16 -8.65 -12.15
N ALA A 15 11.70 -9.05 -11.00
CA ALA A 15 11.21 -8.68 -9.66
C ALA A 15 12.31 -7.94 -8.88
N THR A 16 13.00 -7.01 -9.55
CA THR A 16 14.06 -6.14 -8.97
C THR A 16 13.94 -4.74 -9.58
N ASP A 17 14.60 -3.75 -8.97
CA ASP A 17 14.72 -2.39 -9.54
C ASP A 17 15.53 -2.48 -10.84
N SER A 18 15.10 -1.77 -11.89
CA SER A 18 15.75 -1.81 -13.22
C SER A 18 17.27 -1.67 -13.07
N TYR A 19 17.73 -0.68 -12.29
CA TYR A 19 19.15 -0.26 -12.22
C TYR A 19 20.03 -1.41 -11.72
N LYS A 20 19.48 -2.31 -10.89
CA LYS A 20 20.21 -3.48 -10.34
C LYS A 20 20.58 -4.47 -11.45
N VAL A 21 19.91 -4.43 -12.61
CA VAL A 21 20.25 -5.26 -13.81
C VAL A 21 21.66 -4.90 -14.27
N THR A 22 22.11 -3.65 -14.02
CA THR A 22 23.40 -3.10 -14.52
C THR A 22 24.51 -3.16 -13.46
N HIS A 23 24.21 -3.64 -12.25
CA HIS A 23 25.10 -3.52 -11.06
C HIS A 23 26.28 -4.52 -11.12
N TYR A 24 26.12 -5.68 -11.77
CA TYR A 24 27.18 -6.72 -11.86
C TYR A 24 28.42 -6.17 -12.58
N LYS A 25 28.26 -5.09 -13.36
CA LYS A 25 29.35 -4.39 -14.09
C LYS A 25 29.94 -3.23 -13.26
N GLN A 26 29.47 -3.01 -12.02
CA GLN A 26 29.79 -1.78 -11.24
C GLN A 26 30.61 -2.09 -9.99
N TYR A 27 30.50 -3.30 -9.44
CA TYR A 27 31.27 -3.76 -8.24
C TYR A 27 32.75 -3.82 -8.61
N PRO A 28 33.67 -3.77 -7.63
CA PRO A 28 35.10 -3.96 -7.91
C PRO A 28 35.33 -5.31 -8.57
N PRO A 29 36.16 -5.39 -9.63
CA PRO A 29 36.55 -6.69 -10.19
C PRO A 29 37.24 -7.57 -9.13
N ASN A 30 37.09 -8.90 -9.26
CA ASN A 30 37.65 -9.92 -8.34
C ASN A 30 36.93 -9.85 -6.98
N THR A 31 35.62 -9.58 -6.99
CA THR A 31 34.73 -9.61 -5.80
C THR A 31 34.03 -10.97 -5.74
N SER A 32 34.25 -11.73 -4.66
CA SER A 32 33.74 -13.12 -4.45
C SER A 32 32.56 -13.15 -3.45
N LYS A 33 32.41 -12.09 -2.63
CA LYS A 33 31.39 -12.02 -1.56
C LYS A 33 30.81 -10.60 -1.50
N VAL A 34 29.48 -10.48 -1.50
CA VAL A 34 28.74 -9.26 -1.08
C VAL A 34 27.81 -9.68 0.06
N TYR A 35 28.03 -9.11 1.25
CA TYR A 35 27.29 -9.38 2.50
C TYR A 35 26.54 -8.10 2.89
N SER A 36 25.21 -8.21 2.97
CA SER A 36 24.28 -7.08 3.22
C SER A 36 23.37 -7.40 4.41
N TYR A 37 22.77 -6.38 5.03
CA TYR A 37 21.94 -6.50 6.26
C TYR A 37 20.73 -5.58 6.18
N PHE A 38 19.68 -5.92 6.92
CA PHE A 38 18.43 -5.13 7.06
C PHE A 38 18.32 -4.68 8.52
N GLU A 39 17.96 -3.43 8.75
CA GLU A 39 17.70 -2.85 10.10
C GLU A 39 16.54 -1.86 10.03
N CYS A 40 15.96 -1.54 11.19
CA CYS A 40 15.05 -0.39 11.41
C CYS A 40 15.87 0.73 12.04
N ARG A 41 16.52 1.54 11.18
CA ARG A 41 17.55 2.54 11.56
C ARG A 41 17.03 3.45 12.68
N GLU A 42 17.90 3.79 13.64
CA GLU A 42 17.65 4.71 14.79
C GLU A 42 17.52 6.15 14.31
N LYS A 43 16.80 7.00 15.06
CA LYS A 43 16.47 8.41 14.72
C LYS A 43 17.33 9.36 15.57
N LYS A 44 16.99 10.65 15.60
CA LYS A 44 17.67 11.71 16.38
C LYS A 44 16.65 12.33 17.34
N LYS A 54 6.92 7.86 18.22
CA LYS A 54 8.26 7.42 18.68
C LYS A 54 8.25 5.88 18.82
N TYR A 55 8.65 5.17 17.78
CA TYR A 55 8.57 3.69 17.66
C TYR A 55 9.93 3.07 18.04
N GLU A 56 10.11 2.75 19.32
CA GLU A 56 11.43 2.42 19.91
C GLU A 56 11.76 0.93 19.70
N GLU A 57 10.77 0.08 19.47
CA GLU A 57 10.97 -1.38 19.28
C GLU A 57 10.02 -1.90 18.20
N THR A 58 10.49 -2.83 17.36
CA THR A 58 9.78 -3.32 16.15
C THR A 58 9.51 -4.82 16.28
N VAL A 59 8.33 -5.27 15.85
CA VAL A 59 8.00 -6.71 15.71
C VAL A 59 8.56 -7.18 14.37
N PHE A 60 9.45 -8.17 14.38
CA PHE A 60 9.96 -8.80 13.14
C PHE A 60 8.97 -9.88 12.69
N TYR A 61 8.26 -9.62 11.58
CA TYR A 61 7.27 -10.53 10.95
C TYR A 61 7.22 -10.28 9.44
N GLY A 62 7.15 -11.35 8.65
CA GLY A 62 6.84 -11.28 7.21
C GLY A 62 7.85 -12.00 6.33
N LEU A 63 9.11 -12.11 6.76
CA LEU A 63 10.22 -12.68 5.93
C LEU A 63 9.83 -14.07 5.40
N GLN A 64 9.29 -14.92 6.28
CA GLN A 64 8.95 -16.35 5.98
C GLN A 64 8.01 -16.43 4.77
N TYR A 65 6.98 -15.58 4.74
CA TYR A 65 6.01 -15.47 3.62
C TYR A 65 6.78 -15.33 2.30
N ILE A 66 7.76 -14.41 2.27
CA ILE A 66 8.51 -14.02 1.05
C ILE A 66 9.46 -15.17 0.66
N LEU A 67 10.13 -15.78 1.64
CA LEU A 67 11.05 -16.93 1.41
C LEU A 67 10.31 -18.03 0.62
N ASN A 68 9.09 -18.37 1.05
CA ASN A 68 8.30 -19.51 0.52
C ASN A 68 7.65 -19.15 -0.82
N LYS A 69 7.08 -17.95 -0.94
CA LYS A 69 6.27 -17.56 -2.12
C LYS A 69 7.17 -17.27 -3.33
N TYR A 70 8.36 -16.69 -3.13
CA TYR A 70 9.14 -16.02 -4.21
C TYR A 70 10.58 -16.56 -4.36
N LEU A 71 11.24 -16.98 -3.28
CA LEU A 71 12.71 -17.24 -3.29
C LEU A 71 13.05 -18.74 -3.34
N LYS A 72 12.25 -19.61 -2.72
CA LYS A 72 12.62 -21.04 -2.51
C LYS A 72 12.43 -21.85 -3.80
N GLY A 73 13.25 -22.90 -3.97
CA GLY A 73 13.10 -23.93 -5.03
C GLY A 73 13.70 -23.48 -6.35
N LYS A 74 13.17 -24.02 -7.45
CA LYS A 74 13.61 -23.69 -8.84
C LYS A 74 12.91 -22.40 -9.27
N VAL A 75 13.61 -21.27 -9.18
CA VAL A 75 13.09 -19.91 -9.48
C VAL A 75 13.60 -19.45 -10.86
N VAL A 76 14.60 -20.14 -11.42
CA VAL A 76 15.23 -19.84 -12.74
C VAL A 76 14.92 -20.97 -13.72
N THR A 77 14.43 -20.64 -14.92
CA THR A 77 14.23 -21.56 -16.07
C THR A 77 14.78 -20.90 -17.34
N LYS A 78 14.98 -21.69 -18.40
CA LYS A 78 15.48 -21.24 -19.72
C LYS A 78 14.50 -20.21 -20.30
N GLU A 79 13.20 -20.38 -20.04
CA GLU A 79 12.10 -19.53 -20.54
C GLU A 79 12.10 -18.19 -19.80
N LYS A 80 12.43 -18.18 -18.51
CA LYS A 80 12.42 -16.96 -17.65
C LYS A 80 13.63 -16.08 -17.99
N ILE A 81 14.79 -16.68 -18.29
CA ILE A 81 16.03 -15.96 -18.71
C ILE A 81 15.76 -15.26 -20.06
N GLN A 82 15.04 -15.93 -20.97
CA GLN A 82 14.71 -15.41 -22.32
C GLN A 82 13.71 -14.25 -22.19
N GLU A 83 12.61 -14.47 -21.46
CA GLU A 83 11.56 -13.46 -21.17
C GLU A 83 12.25 -12.17 -20.68
N ALA A 84 13.16 -12.29 -19.72
CA ALA A 84 13.89 -11.17 -19.09
C ALA A 84 14.82 -10.50 -20.10
N LYS A 85 15.55 -11.28 -20.90
CA LYS A 85 16.49 -10.76 -21.92
C LYS A 85 15.72 -9.91 -22.95
N ASP A 86 14.53 -10.38 -23.35
CA ASP A 86 13.66 -9.71 -24.36
C ASP A 86 13.13 -8.38 -23.79
N VAL A 87 12.66 -8.39 -22.54
CA VAL A 87 12.03 -7.22 -21.87
C VAL A 87 13.09 -6.13 -21.66
N TYR A 88 14.27 -6.50 -21.14
CA TYR A 88 15.34 -5.55 -20.75
C TYR A 88 15.99 -4.94 -21.99
N LYS A 89 16.07 -5.70 -23.10
CA LYS A 89 16.60 -5.22 -24.40
C LYS A 89 15.80 -3.99 -24.85
N GLU A 90 14.47 -4.02 -24.70
CA GLU A 90 13.54 -2.92 -25.07
C GLU A 90 13.56 -1.84 -23.98
N HIS A 91 13.60 -2.24 -22.70
CA HIS A 91 13.50 -1.34 -21.51
C HIS A 91 14.70 -0.39 -21.47
N PHE A 92 15.91 -0.90 -21.74
CA PHE A 92 17.19 -0.14 -21.69
C PHE A 92 17.57 0.39 -23.08
N GLN A 93 16.94 -0.13 -24.14
CA GLN A 93 17.35 0.13 -25.55
C GLN A 93 18.82 -0.27 -25.69
N ASP A 94 19.22 -1.37 -25.03
CA ASP A 94 20.62 -1.85 -24.90
C ASP A 94 20.59 -3.26 -24.30
N ASP A 95 21.64 -4.06 -24.54
CA ASP A 95 21.77 -5.45 -24.03
C ASP A 95 22.71 -5.45 -22.82
N VAL A 96 22.19 -5.13 -21.63
CA VAL A 96 22.95 -5.02 -20.35
C VAL A 96 22.69 -6.27 -19.48
N PHE A 97 21.58 -6.98 -19.72
CA PHE A 97 21.12 -8.13 -18.90
C PHE A 97 22.24 -9.18 -18.80
N ASN A 98 22.48 -9.68 -17.59
CA ASN A 98 23.56 -10.66 -17.28
C ASN A 98 23.05 -12.09 -17.55
N GLU A 99 22.94 -12.47 -18.82
CA GLU A 99 22.46 -13.81 -19.26
C GLU A 99 23.37 -14.90 -18.67
N LYS A 100 24.69 -14.72 -18.76
CA LYS A 100 25.76 -15.66 -18.33
C LYS A 100 25.57 -16.04 -16.86
N GLY A 101 25.42 -15.03 -16.00
CA GLY A 101 25.27 -15.14 -14.54
C GLY A 101 24.04 -15.94 -14.16
N TRP A 102 22.92 -15.69 -14.84
CA TRP A 102 21.63 -16.40 -14.58
C TRP A 102 21.70 -17.84 -15.12
N ASN A 103 22.35 -18.05 -16.26
CA ASN A 103 22.57 -19.39 -16.87
C ASN A 103 23.40 -20.24 -15.90
N TYR A 104 24.47 -19.68 -15.33
CA TYR A 104 25.33 -20.35 -14.33
C TYR A 104 24.46 -20.95 -13.21
N ILE A 105 23.47 -20.20 -12.71
CA ILE A 105 22.59 -20.62 -11.58
C ILE A 105 21.71 -21.79 -12.04
N LEU A 106 21.16 -21.70 -13.26
CA LEU A 106 20.34 -22.76 -13.89
C LEU A 106 21.13 -24.08 -13.97
N GLU A 107 22.35 -24.04 -14.51
CA GLU A 107 23.18 -25.24 -14.84
C GLU A 107 23.79 -25.84 -13.57
N LYS A 108 24.33 -25.01 -12.67
CA LYS A 108 25.10 -25.47 -11.48
C LYS A 108 24.15 -25.95 -10.38
N TYR A 109 23.06 -25.22 -10.10
CA TYR A 109 22.20 -25.41 -8.90
C TYR A 109 20.74 -25.70 -9.28
N ASP A 110 20.48 -26.10 -10.53
CA ASP A 110 19.11 -26.42 -11.02
C ASP A 110 18.16 -25.25 -10.71
N GLY A 111 18.63 -24.01 -10.90
CA GLY A 111 17.82 -22.78 -10.75
C GLY A 111 17.55 -22.39 -9.30
N HIS A 112 18.26 -22.97 -8.34
CA HIS A 112 18.17 -22.66 -6.88
C HIS A 112 19.17 -21.56 -6.53
N LEU A 113 18.73 -20.53 -5.80
CA LEU A 113 19.54 -19.32 -5.48
C LEU A 113 20.67 -19.69 -4.51
N PRO A 114 21.95 -19.53 -4.89
CA PRO A 114 23.07 -19.75 -3.97
C PRO A 114 23.22 -18.59 -2.97
N ILE A 115 22.32 -18.55 -1.98
CA ILE A 115 22.14 -17.44 -1.01
C ILE A 115 21.97 -18.03 0.38
N GLU A 116 22.59 -17.42 1.39
CA GLU A 116 22.31 -17.70 2.83
C GLU A 116 21.67 -16.45 3.45
N ILE A 117 20.48 -16.61 4.04
CA ILE A 117 19.79 -15.55 4.84
C ILE A 117 19.72 -16.04 6.30
N LYS A 118 20.27 -15.24 7.22
CA LYS A 118 20.13 -15.42 8.69
C LYS A 118 19.18 -14.33 9.20
N ALA A 119 18.27 -14.69 10.12
CA ALA A 119 17.21 -13.77 10.63
C ALA A 119 16.94 -14.04 12.12
N VAL A 120 16.64 -12.98 12.87
CA VAL A 120 16.04 -13.07 14.24
C VAL A 120 14.73 -13.83 14.12
N PRO A 121 14.29 -14.61 15.14
CA PRO A 121 13.04 -15.37 15.05
C PRO A 121 11.83 -14.43 14.91
N GLU A 122 10.80 -14.85 14.18
CA GLU A 122 9.60 -14.01 13.90
C GLU A 122 8.76 -13.87 15.18
N GLY A 123 8.17 -12.70 15.38
CA GLY A 123 7.48 -12.30 16.62
C GLY A 123 8.39 -11.53 17.56
N PHE A 124 9.71 -11.66 17.42
CA PHE A 124 10.72 -11.02 18.32
C PHE A 124 10.55 -9.50 18.28
N VAL A 125 10.62 -8.88 19.46
CA VAL A 125 10.49 -7.41 19.66
C VAL A 125 11.89 -6.86 19.95
N ILE A 126 12.48 -6.15 18.97
CA ILE A 126 13.89 -5.68 18.97
C ILE A 126 13.90 -4.16 18.92
N PRO A 127 14.69 -3.49 19.78
CA PRO A 127 14.88 -2.04 19.68
C PRO A 127 15.41 -1.61 18.30
N ARG A 128 15.19 -0.34 17.95
CA ARG A 128 15.64 0.28 16.68
C ARG A 128 17.16 0.18 16.57
N GLY A 129 17.67 0.01 15.35
CA GLY A 129 19.10 0.12 15.01
C GLY A 129 19.86 -1.18 15.23
N ASN A 130 19.16 -2.31 15.19
CA ASN A 130 19.76 -3.66 15.37
C ASN A 130 19.55 -4.48 14.09
N VAL A 131 20.52 -5.33 13.75
CA VAL A 131 20.43 -6.26 12.58
C VAL A 131 19.24 -7.19 12.80
N LEU A 132 18.33 -7.26 11.83
CA LEU A 132 17.14 -8.16 11.86
C LEU A 132 17.38 -9.37 10.95
N PHE A 133 18.02 -9.17 9.80
CA PHE A 133 18.49 -10.29 8.94
C PHE A 133 19.71 -9.85 8.11
N THR A 134 20.54 -10.82 7.73
CA THR A 134 21.73 -10.67 6.85
C THR A 134 21.52 -11.53 5.61
N VAL A 135 22.04 -11.07 4.46
CA VAL A 135 22.01 -11.79 3.15
C VAL A 135 23.45 -11.87 2.62
N GLU A 136 23.85 -13.02 2.07
CA GLU A 136 25.15 -13.20 1.36
C GLU A 136 25.04 -14.32 0.33
N ASN A 137 25.91 -14.29 -0.68
CA ASN A 137 26.04 -15.33 -1.73
C ASN A 137 26.92 -16.47 -1.19
N THR A 138 26.61 -17.73 -1.56
CA THR A 138 27.36 -18.94 -1.13
C THR A 138 28.32 -19.40 -2.23
N ASP A 139 28.28 -18.77 -3.40
CA ASP A 139 29.14 -19.08 -4.57
C ASP A 139 29.84 -17.80 -5.03
N PRO A 140 31.19 -17.80 -5.16
CA PRO A 140 31.92 -16.58 -5.57
C PRO A 140 31.40 -15.96 -6.87
N GLU A 141 30.94 -16.80 -7.81
CA GLU A 141 30.37 -16.37 -9.12
C GLU A 141 29.17 -15.43 -8.91
N CYS A 142 28.43 -15.60 -7.80
CA CYS A 142 27.08 -15.00 -7.60
C CYS A 142 27.12 -13.83 -6.62
N TYR A 143 28.27 -13.13 -6.52
CA TYR A 143 28.46 -11.88 -5.74
C TYR A 143 27.31 -10.88 -6.01
N TRP A 144 26.85 -10.80 -7.26
CA TRP A 144 25.84 -9.82 -7.76
C TRP A 144 24.43 -10.13 -7.25
N LEU A 145 24.17 -11.38 -6.82
CA LEU A 145 22.81 -11.90 -6.51
C LEU A 145 22.29 -11.30 -5.19
N THR A 146 23.19 -11.06 -4.22
CA THR A 146 22.85 -10.58 -2.85
C THR A 146 21.92 -9.36 -2.92
N ASN A 147 22.30 -8.35 -3.70
CA ASN A 147 21.58 -7.05 -3.74
C ASN A 147 20.56 -7.04 -4.89
N TRP A 148 20.63 -7.98 -5.84
CA TRP A 148 19.54 -8.24 -6.81
C TRP A 148 18.22 -8.37 -6.05
N ILE A 149 18.23 -9.13 -4.93
CA ILE A 149 17.00 -9.50 -4.17
C ILE A 149 16.73 -8.47 -3.05
N GLU A 150 17.41 -7.31 -3.04
CA GLU A 150 17.12 -6.24 -2.06
C GLU A 150 15.65 -5.85 -2.15
N THR A 151 15.17 -5.59 -3.38
CA THR A 151 13.82 -5.02 -3.66
C THR A 151 12.75 -5.92 -3.02
N ILE A 152 12.85 -7.24 -3.26
CA ILE A 152 11.86 -8.24 -2.78
C ILE A 152 11.93 -8.35 -1.26
N LEU A 153 13.15 -8.39 -0.70
CA LEU A 153 13.35 -8.60 0.76
C LEU A 153 12.93 -7.34 1.54
N VAL A 154 13.15 -6.14 0.98
CA VAL A 154 12.90 -4.84 1.68
C VAL A 154 11.39 -4.65 1.88
N GLN A 155 10.55 -5.26 1.04
CA GLN A 155 9.07 -5.26 1.18
C GLN A 155 8.65 -5.88 2.52
N SER A 156 9.56 -6.53 3.25
CA SER A 156 9.37 -6.94 4.66
C SER A 156 8.99 -5.73 5.52
N TRP A 157 9.36 -4.51 5.12
CA TRP A 157 9.01 -3.26 5.86
C TRP A 157 7.52 -3.24 6.19
N TYR A 158 6.67 -3.69 5.26
CA TYR A 158 5.20 -3.54 5.36
C TYR A 158 4.65 -4.40 6.50
N PRO A 159 4.80 -5.74 6.51
CA PRO A 159 4.32 -6.56 7.62
C PRO A 159 4.99 -6.20 8.95
N ILE A 160 6.28 -5.84 8.93
CA ILE A 160 7.05 -5.37 10.13
C ILE A 160 6.34 -4.13 10.70
N THR A 161 6.01 -3.17 9.84
CA THR A 161 5.46 -1.84 10.23
C THR A 161 4.02 -2.01 10.75
N VAL A 162 3.19 -2.79 10.04
CA VAL A 162 1.76 -3.02 10.41
C VAL A 162 1.73 -3.67 11.80
N ALA A 163 2.54 -4.71 12.00
CA ALA A 163 2.66 -5.49 13.27
C ALA A 163 3.14 -4.58 14.40
N THR A 164 4.13 -3.72 14.14
CA THR A 164 4.73 -2.79 15.15
C THR A 164 3.65 -1.77 15.58
N ASN A 165 2.98 -1.13 14.62
CA ASN A 165 2.01 -0.03 14.84
C ASN A 165 0.74 -0.59 15.50
N SER A 166 0.29 -1.78 15.07
CA SER A 166 -0.83 -2.53 15.72
C SER A 166 -0.53 -2.74 17.21
N ARG A 167 0.69 -3.20 17.53
CA ARG A 167 1.14 -3.59 18.89
C ARG A 167 1.24 -2.35 19.79
N GLU A 168 1.76 -1.23 19.26
CA GLU A 168 1.84 0.05 19.99
C GLU A 168 0.42 0.52 20.36
N GLN A 169 -0.56 0.29 19.48
CA GLN A 169 -1.99 0.62 19.73
C GLN A 169 -2.53 -0.29 20.85
N LYS A 170 -2.10 -1.56 20.90
CA LYS A 170 -2.46 -2.54 21.96
C LYS A 170 -1.93 -2.05 23.31
N LYS A 171 -0.72 -1.49 23.34
CA LYS A 171 -0.09 -0.92 24.57
C LYS A 171 -0.98 0.19 25.13
N ILE A 172 -1.47 1.09 24.27
CA ILE A 172 -2.33 2.24 24.66
C ILE A 172 -3.65 1.68 25.22
N LEU A 173 -4.30 0.77 24.50
CA LEU A 173 -5.58 0.15 24.91
C LEU A 173 -5.40 -0.56 26.25
N ALA A 174 -4.32 -1.35 26.40
CA ALA A 174 -3.95 -2.10 27.61
C ALA A 174 -3.83 -1.13 28.81
N LYS A 175 -3.11 -0.03 28.63
CA LYS A 175 -2.77 0.95 29.70
C LYS A 175 -4.06 1.58 30.26
N TYR A 176 -5.01 1.95 29.38
CA TYR A 176 -6.25 2.68 29.75
C TYR A 176 -7.34 1.70 30.23
N LEU A 177 -7.40 0.50 29.65
CA LEU A 177 -8.33 -0.58 30.09
C LEU A 177 -7.99 -0.98 31.53
N LEU A 178 -6.69 -1.10 31.86
CA LEU A 178 -6.20 -1.41 33.22
C LEU A 178 -6.57 -0.27 34.18
N GLU A 179 -6.23 0.99 33.85
CA GLU A 179 -6.48 2.16 34.72
C GLU A 179 -7.97 2.24 35.07
N THR A 180 -8.86 2.05 34.08
CA THR A 180 -10.30 2.36 34.20
C THR A 180 -11.14 1.14 34.60
N SER A 181 -10.63 -0.09 34.45
CA SER A 181 -11.39 -1.34 34.70
C SER A 181 -10.67 -2.29 35.67
N GLY A 182 -9.32 -2.26 35.71
CA GLY A 182 -8.50 -3.09 36.61
C GLY A 182 -8.19 -4.47 36.03
N ASN A 183 -8.45 -4.70 34.74
CA ASN A 183 -8.18 -5.98 34.04
C ASN A 183 -8.00 -5.71 32.54
N LEU A 184 -7.67 -6.76 31.78
CA LEU A 184 -7.40 -6.71 30.32
C LEU A 184 -8.39 -7.60 29.56
N ASP A 185 -9.55 -7.88 30.15
CA ASP A 185 -10.62 -8.73 29.56
C ASP A 185 -11.07 -8.14 28.22
N GLY A 186 -10.90 -8.90 27.13
CA GLY A 186 -11.36 -8.54 25.77
C GLY A 186 -10.39 -7.65 25.02
N LEU A 187 -9.16 -7.48 25.54
CA LEU A 187 -8.11 -6.59 24.95
C LEU A 187 -7.83 -7.01 23.50
N GLU A 188 -7.75 -8.32 23.24
CA GLU A 188 -7.32 -8.89 21.93
C GLU A 188 -8.44 -8.76 20.89
N TYR A 189 -9.61 -8.22 21.25
CA TYR A 189 -10.78 -8.01 20.35
C TYR A 189 -11.13 -6.52 20.21
N LYS A 190 -10.37 -5.61 20.82
CA LYS A 190 -10.75 -4.18 20.95
C LYS A 190 -10.32 -3.35 19.73
N LEU A 191 -9.34 -3.80 18.94
CA LEU A 191 -8.93 -3.14 17.67
C LEU A 191 -9.19 -4.10 16.50
N HIS A 192 -10.26 -3.86 15.73
CA HIS A 192 -10.77 -4.72 14.64
C HIS A 192 -10.33 -4.16 13.28
N ASP A 193 -9.81 -5.03 12.41
CA ASP A 193 -9.28 -4.71 11.06
C ASP A 193 -10.46 -4.48 10.10
N PHE A 194 -10.60 -3.25 9.58
CA PHE A 194 -11.66 -2.78 8.66
C PHE A 194 -11.08 -2.44 7.28
N GLY A 195 -9.80 -2.74 7.05
CA GLY A 195 -8.99 -2.07 6.01
C GLY A 195 -8.88 -2.84 4.70
N TYR A 196 -9.77 -3.80 4.42
CA TYR A 196 -9.74 -4.59 3.16
C TYR A 196 -9.90 -3.65 1.96
N ARG A 197 -10.92 -2.79 1.96
CA ARG A 197 -11.25 -1.86 0.83
C ARG A 197 -10.20 -0.73 0.73
N GLY A 198 -9.49 -0.44 1.84
CA GLY A 198 -8.61 0.74 1.99
C GLY A 198 -7.16 0.48 1.62
N VAL A 199 -6.78 -0.76 1.27
CA VAL A 199 -5.38 -1.14 0.90
C VAL A 199 -5.26 -1.16 -0.63
N SER A 200 -4.02 -1.21 -1.13
CA SER A 200 -3.65 -0.99 -2.56
C SER A 200 -3.89 -2.24 -3.42
N SER A 201 -4.03 -3.43 -2.83
CA SER A 201 -4.16 -4.70 -3.60
C SER A 201 -4.68 -5.84 -2.71
N GLN A 202 -5.17 -6.91 -3.35
CA GLN A 202 -5.57 -8.19 -2.68
C GLN A 202 -4.39 -8.75 -1.88
N GLU A 203 -3.19 -8.75 -2.48
CA GLU A 203 -1.97 -9.31 -1.85
C GLU A 203 -1.67 -8.53 -0.57
N THR A 204 -1.61 -7.19 -0.66
CA THR A 204 -1.37 -6.28 0.48
C THR A 204 -2.38 -6.58 1.60
N ALA A 205 -3.66 -6.76 1.24
CA ALA A 205 -4.76 -7.06 2.18
C ALA A 205 -4.41 -8.29 3.03
N GLY A 206 -4.01 -9.39 2.38
CA GLY A 206 -3.56 -10.64 3.04
C GLY A 206 -2.40 -10.41 3.98
N ILE A 207 -1.32 -9.77 3.50
CA ILE A 207 -0.08 -9.52 4.31
C ILE A 207 -0.43 -8.66 5.52
N GLY A 208 -1.16 -7.56 5.29
CA GLY A 208 -1.50 -6.55 6.33
C GLY A 208 -2.35 -7.14 7.44
N ALA A 209 -3.45 -7.80 7.07
CA ALA A 209 -4.39 -8.44 8.01
C ALA A 209 -3.63 -9.45 8.87
N SER A 210 -2.69 -10.19 8.27
CA SER A 210 -1.89 -11.23 8.95
C SER A 210 -0.99 -10.56 10.00
N ALA A 211 -0.40 -9.42 9.68
CA ALA A 211 0.50 -8.65 10.58
C ALA A 211 -0.27 -8.10 11.79
N HIS A 212 -1.53 -7.71 11.59
CA HIS A 212 -2.44 -7.23 12.67
C HIS A 212 -2.78 -8.39 13.63
N LEU A 213 -3.02 -9.58 13.09
CA LEU A 213 -3.47 -10.77 13.87
C LEU A 213 -2.34 -11.30 14.76
N VAL A 214 -1.11 -10.79 14.58
CA VAL A 214 0.03 -11.07 15.50
C VAL A 214 -0.33 -10.56 16.90
N ASN A 215 -1.16 -9.52 17.00
CA ASN A 215 -1.42 -8.76 18.24
C ASN A 215 -2.89 -8.90 18.71
N PHE A 216 -3.84 -9.08 17.78
CA PHE A 216 -5.29 -9.12 18.06
C PHE A 216 -5.93 -10.34 17.38
N LYS A 217 -7.21 -10.61 17.66
CA LYS A 217 -7.95 -11.79 17.14
C LYS A 217 -9.18 -11.37 16.32
N GLY A 218 -9.47 -10.06 16.22
CA GLY A 218 -10.63 -9.53 15.47
C GLY A 218 -10.24 -8.93 14.14
N THR A 219 -10.88 -9.37 13.05
CA THR A 219 -10.58 -8.95 11.65
C THR A 219 -11.80 -9.15 10.74
N ASP A 220 -11.98 -8.25 9.76
CA ASP A 220 -12.96 -8.39 8.65
C ASP A 220 -12.22 -8.58 7.32
N THR A 221 -10.87 -8.50 7.33
CA THR A 221 -10.02 -8.70 6.13
C THR A 221 -9.74 -10.19 5.99
N VAL A 222 -10.66 -10.91 5.35
CA VAL A 222 -10.73 -12.41 5.27
C VAL A 222 -9.43 -12.96 4.65
N ALA A 223 -8.87 -12.24 3.66
CA ALA A 223 -7.62 -12.58 2.94
C ALA A 223 -6.51 -13.01 3.92
N GLY A 224 -6.44 -12.40 5.10
CA GLY A 224 -5.41 -12.68 6.13
C GLY A 224 -5.42 -14.13 6.60
N LEU A 225 -6.60 -14.75 6.68
CA LEU A 225 -6.81 -16.11 7.27
C LEU A 225 -6.07 -17.17 6.43
N ALA A 226 -6.20 -17.13 5.10
CA ALA A 226 -5.65 -18.15 4.18
C ALA A 226 -4.12 -18.05 4.11
N LEU A 227 -3.57 -16.83 4.18
CA LEU A 227 -2.11 -16.59 4.19
C LEU A 227 -1.50 -17.26 5.43
N ILE A 228 -2.10 -17.03 6.60
CA ILE A 228 -1.64 -17.59 7.90
C ILE A 228 -1.69 -19.12 7.83
N LYS A 229 -2.81 -19.69 7.36
CA LYS A 229 -3.02 -21.16 7.24
C LYS A 229 -1.94 -21.77 6.33
N LYS A 230 -1.61 -21.09 5.22
CA LYS A 230 -0.74 -21.63 4.13
C LYS A 230 0.74 -21.50 4.49
N TYR A 231 1.16 -20.40 5.13
CA TYR A 231 2.58 -20.01 5.28
C TYR A 231 3.06 -20.10 6.74
N TYR A 232 2.18 -20.16 7.74
CA TYR A 232 2.56 -20.11 9.18
C TYR A 232 1.89 -21.23 9.97
N GLY A 233 0.56 -21.24 10.02
CA GLY A 233 -0.24 -22.29 10.69
C GLY A 233 -0.60 -21.92 12.12
N THR A 234 -1.78 -22.36 12.57
CA THR A 234 -2.27 -22.24 13.98
C THR A 234 -2.85 -23.58 14.43
N LYS A 235 -2.57 -23.97 15.69
CA LYS A 235 -3.24 -25.06 16.45
C LYS A 235 -4.75 -24.88 16.34
N ASP A 236 -5.23 -23.67 16.64
CA ASP A 236 -6.65 -23.23 16.55
C ASP A 236 -7.10 -23.31 15.09
N PRO A 237 -8.42 -23.47 14.80
CA PRO A 237 -8.89 -23.65 13.43
C PRO A 237 -8.68 -22.42 12.52
N VAL A 238 -8.90 -21.22 13.07
CA VAL A 238 -8.65 -19.90 12.38
C VAL A 238 -7.94 -18.97 13.37
N PRO A 239 -7.07 -18.06 12.88
CA PRO A 239 -6.42 -17.07 13.73
C PRO A 239 -7.27 -15.83 14.07
N GLY A 240 -8.39 -15.60 13.37
CA GLY A 240 -9.20 -14.38 13.50
C GLY A 240 -10.69 -14.65 13.44
N TYR A 241 -11.49 -13.77 14.05
CA TYR A 241 -12.96 -13.94 14.26
C TYR A 241 -13.69 -12.62 13.97
N SER A 242 -14.99 -12.71 13.68
CA SER A 242 -15.87 -11.54 13.40
C SER A 242 -17.31 -11.84 13.85
N VAL A 243 -18.17 -10.82 13.77
CA VAL A 243 -19.60 -10.85 14.18
C VAL A 243 -20.44 -10.21 13.09
N PRO A 244 -21.75 -10.52 13.01
CA PRO A 244 -22.66 -9.81 12.11
C PRO A 244 -22.63 -8.29 12.31
N ALA A 245 -22.70 -7.52 11.22
CA ALA A 245 -22.72 -6.04 11.25
C ALA A 245 -23.42 -5.50 10.01
N ALA A 246 -24.09 -4.36 10.17
CA ALA A 246 -24.76 -3.61 9.07
C ALA A 246 -23.74 -2.69 8.38
N GLU A 247 -24.04 -2.33 7.13
CA GLU A 247 -23.44 -1.16 6.44
C GLU A 247 -24.59 -0.19 6.12
N HIS A 248 -24.28 0.97 5.55
CA HIS A 248 -25.27 2.03 5.22
C HIS A 248 -26.29 1.47 4.22
N SER A 249 -25.86 0.63 3.28
CA SER A 249 -26.76 0.01 2.26
C SER A 249 -27.88 -0.78 2.95
N THR A 250 -27.59 -1.56 3.99
CA THR A 250 -28.56 -2.49 4.65
C THR A 250 -29.50 -1.72 5.58
N ILE A 251 -29.17 -0.47 5.91
CA ILE A 251 -30.09 0.47 6.64
C ILE A 251 -30.87 1.30 5.62
N THR A 252 -30.18 2.03 4.74
CA THR A 252 -30.77 3.05 3.84
C THR A 252 -31.70 2.40 2.81
N ALA A 253 -31.49 1.12 2.46
CA ALA A 253 -32.30 0.37 1.47
C ALA A 253 -33.77 0.31 1.92
N TRP A 254 -34.06 0.44 3.21
CA TRP A 254 -35.43 0.37 3.79
C TRP A 254 -36.23 1.66 3.50
N GLY A 255 -35.56 2.72 3.03
CA GLY A 255 -36.17 4.06 2.86
C GLY A 255 -35.91 4.95 4.06
N LYS A 256 -35.81 6.26 3.83
CA LYS A 256 -35.44 7.29 4.85
C LYS A 256 -36.32 7.18 6.10
N ASP A 257 -37.62 6.91 5.94
CA ASP A 257 -38.65 6.99 7.02
C ASP A 257 -38.81 5.63 7.71
N HIS A 258 -37.91 4.68 7.48
CA HIS A 258 -38.01 3.28 7.99
C HIS A 258 -36.67 2.82 8.59
N GLU A 259 -35.88 3.74 9.16
CA GLU A 259 -34.62 3.43 9.88
C GLU A 259 -34.93 2.49 11.05
N LYS A 260 -36.03 2.75 11.77
CA LYS A 260 -36.49 1.92 12.92
C LYS A 260 -36.79 0.50 12.43
N ASP A 261 -37.51 0.36 11.32
CA ASP A 261 -37.94 -0.96 10.77
C ASP A 261 -36.69 -1.77 10.42
N ALA A 262 -35.63 -1.10 9.95
CA ALA A 262 -34.34 -1.72 9.56
C ALA A 262 -33.62 -2.23 10.82
N PHE A 263 -33.44 -1.38 11.82
CA PHE A 263 -32.80 -1.69 13.13
C PHE A 263 -33.46 -2.92 13.74
N GLU A 264 -34.79 -2.89 13.89
CA GLU A 264 -35.61 -3.97 14.51
C GLU A 264 -35.37 -5.29 13.76
N HIS A 265 -35.45 -5.28 12.43
CA HIS A 265 -35.26 -6.49 11.58
C HIS A 265 -33.88 -7.10 11.83
N ILE A 266 -32.84 -6.25 11.88
CA ILE A 266 -31.42 -6.68 11.96
C ILE A 266 -31.14 -7.30 13.34
N VAL A 267 -31.51 -6.62 14.44
CA VAL A 267 -31.24 -7.12 15.82
C VAL A 267 -32.04 -8.42 16.07
N THR A 268 -33.21 -8.58 15.44
CA THR A 268 -34.09 -9.77 15.60
C THR A 268 -33.50 -10.96 14.82
N GLN A 269 -32.93 -10.72 13.63
CA GLN A 269 -32.27 -11.77 12.80
C GLN A 269 -31.05 -12.31 13.56
N PHE A 270 -30.29 -11.44 14.23
CA PHE A 270 -29.06 -11.78 15.00
C PHE A 270 -29.30 -11.51 16.49
N SER A 271 -30.27 -12.23 17.06
CA SER A 271 -30.79 -12.06 18.45
C SER A 271 -29.88 -12.77 19.46
N SER A 272 -29.18 -13.83 19.05
CA SER A 272 -28.41 -14.74 19.94
C SER A 272 -26.90 -14.58 19.77
N VAL A 273 -26.45 -13.62 18.94
CA VAL A 273 -24.99 -13.32 18.73
C VAL A 273 -24.79 -11.81 18.79
N PRO A 274 -23.54 -11.33 19.04
CA PRO A 274 -23.26 -9.90 19.04
C PRO A 274 -23.56 -9.32 17.64
N VAL A 275 -24.16 -8.13 17.57
CA VAL A 275 -24.53 -7.49 16.28
C VAL A 275 -24.17 -6.00 16.35
N SER A 276 -23.39 -5.53 15.37
CA SER A 276 -23.01 -4.11 15.16
C SER A 276 -23.99 -3.48 14.16
N VAL A 277 -24.56 -2.32 14.50
CA VAL A 277 -25.55 -1.61 13.65
C VAL A 277 -25.13 -0.15 13.52
N VAL A 278 -24.63 0.23 12.34
CA VAL A 278 -24.30 1.64 11.98
C VAL A 278 -25.57 2.48 12.11
N SER A 279 -25.49 3.59 12.85
CA SER A 279 -26.66 4.35 13.36
C SER A 279 -26.59 5.83 12.97
N ASP A 280 -25.72 6.20 12.02
CA ASP A 280 -25.43 7.61 11.67
C ASP A 280 -25.90 7.95 10.25
N SER A 281 -26.75 7.11 9.63
CA SER A 281 -27.23 7.26 8.23
C SER A 281 -27.85 8.64 8.01
N TYR A 282 -28.64 9.11 8.98
CA TYR A 282 -29.40 10.39 8.91
C TYR A 282 -29.08 11.29 10.12
N ASP A 283 -29.12 10.73 11.34
CA ASP A 283 -28.85 11.47 12.60
C ASP A 283 -28.51 10.46 13.71
N ILE A 284 -27.21 10.31 14.04
CA ILE A 284 -26.68 9.38 15.08
C ILE A 284 -27.32 9.68 16.44
N TYR A 285 -27.53 10.96 16.77
CA TYR A 285 -27.96 11.40 18.12
C TYR A 285 -29.44 11.05 18.31
N ASN A 286 -30.26 11.22 17.26
CA ASN A 286 -31.67 10.77 17.21
C ASN A 286 -31.76 9.25 17.34
N ALA A 287 -30.89 8.52 16.64
CA ALA A 287 -30.87 7.03 16.61
C ALA A 287 -30.65 6.50 18.03
N CYS A 288 -29.66 7.02 18.74
CA CYS A 288 -29.30 6.59 20.12
C CYS A 288 -30.41 6.95 21.10
N GLU A 289 -30.89 8.20 21.08
CA GLU A 289 -31.79 8.74 22.13
C GLU A 289 -33.24 8.27 21.91
N LYS A 290 -33.74 8.29 20.67
CA LYS A 290 -35.18 8.06 20.37
C LYS A 290 -35.41 6.63 19.87
N ILE A 291 -34.66 6.16 18.88
CA ILE A 291 -34.91 4.84 18.23
C ILE A 291 -34.40 3.72 19.15
N TRP A 292 -33.10 3.66 19.44
CA TRP A 292 -32.50 2.68 20.39
C TRP A 292 -33.01 2.94 21.81
N GLY A 293 -33.07 4.22 22.20
CA GLY A 293 -33.27 4.68 23.60
C GLY A 293 -34.71 4.61 24.06
N GLU A 294 -35.70 4.63 23.15
CA GLU A 294 -37.14 4.58 23.48
C GLU A 294 -37.85 3.53 22.63
N ASP A 295 -37.93 3.74 21.31
CA ASP A 295 -38.80 2.95 20.39
C ASP A 295 -38.44 1.46 20.47
N LEU A 296 -37.14 1.13 20.46
CA LEU A 296 -36.63 -0.27 20.38
C LEU A 296 -35.92 -0.68 21.67
N ARG A 297 -36.01 0.14 22.73
CA ARG A 297 -35.39 -0.13 24.07
C ARG A 297 -35.68 -1.58 24.50
N HIS A 298 -36.92 -2.05 24.29
CA HIS A 298 -37.44 -3.36 24.79
C HIS A 298 -36.71 -4.54 24.14
N LEU A 299 -36.14 -4.35 22.94
CA LEU A 299 -35.37 -5.41 22.20
C LEU A 299 -33.91 -5.45 22.66
N ILE A 300 -33.40 -4.37 23.27
CA ILE A 300 -31.97 -4.23 23.69
C ILE A 300 -31.78 -4.83 25.08
N VAL A 301 -32.63 -4.43 26.04
CA VAL A 301 -32.50 -4.75 27.50
C VAL A 301 -32.73 -6.25 27.74
N SER A 302 -33.32 -6.96 26.77
CA SER A 302 -33.67 -8.40 26.86
C SER A 302 -32.52 -9.28 26.35
N ARG A 303 -31.46 -8.69 25.77
CA ARG A 303 -30.36 -9.41 25.10
C ARG A 303 -29.38 -9.98 26.14
N SER A 304 -28.70 -11.07 25.80
CA SER A 304 -27.72 -11.79 26.64
C SER A 304 -26.39 -11.02 26.67
N THR A 305 -25.61 -11.24 27.73
CA THR A 305 -24.25 -10.65 27.93
C THR A 305 -23.30 -11.17 26.84
N GLN A 306 -23.61 -12.30 26.21
CA GLN A 306 -22.81 -12.95 25.13
C GLN A 306 -23.25 -12.46 23.75
N ALA A 307 -24.29 -11.62 23.68
CA ALA A 307 -24.89 -11.15 22.41
C ALA A 307 -25.38 -9.71 22.56
N PRO A 308 -24.49 -8.74 22.87
CA PRO A 308 -24.90 -7.34 23.01
C PRO A 308 -25.21 -6.67 21.65
N LEU A 309 -26.02 -5.60 21.68
CA LEU A 309 -26.08 -4.58 20.61
C LEU A 309 -24.81 -3.72 20.71
N ILE A 310 -24.09 -3.57 19.60
CA ILE A 310 -22.92 -2.64 19.50
C ILE A 310 -23.32 -1.52 18.52
N ILE A 311 -23.54 -0.31 19.07
CA ILE A 311 -23.92 0.91 18.32
C ILE A 311 -22.67 1.48 17.64
N ARG A 312 -22.76 1.79 16.34
CA ARG A 312 -21.60 2.24 15.52
C ARG A 312 -21.88 3.64 14.96
N PRO A 313 -21.28 4.72 15.53
CA PRO A 313 -21.16 5.99 14.82
C PRO A 313 -20.09 5.85 13.72
N ASP A 314 -20.18 6.66 12.66
CA ASP A 314 -19.27 6.59 11.48
C ASP A 314 -19.14 7.97 10.81
N SER A 315 -19.26 9.07 11.56
CA SER A 315 -19.19 10.46 11.03
C SER A 315 -19.01 11.47 12.18
N GLY A 316 -18.47 12.64 11.85
CA GLY A 316 -18.21 13.74 12.81
C GLY A 316 -16.85 13.57 13.48
N ASN A 317 -16.46 14.54 14.32
CA ASN A 317 -15.22 14.47 15.14
C ASN A 317 -15.25 13.20 15.97
N PRO A 318 -14.28 12.27 15.80
CA PRO A 318 -14.33 10.98 16.49
C PRO A 318 -14.48 11.09 18.03
N LEU A 319 -13.67 11.91 18.69
CA LEU A 319 -13.71 12.08 20.17
C LEU A 319 -15.08 12.62 20.57
N ASP A 320 -15.50 13.76 20.00
CA ASP A 320 -16.73 14.49 20.37
C ASP A 320 -17.96 13.58 20.17
N THR A 321 -17.97 12.77 19.11
CA THR A 321 -19.13 11.91 18.73
C THR A 321 -19.25 10.77 19.75
N VAL A 322 -18.11 10.16 20.12
CA VAL A 322 -18.05 9.03 21.09
C VAL A 322 -18.56 9.52 22.46
N LEU A 323 -18.07 10.68 22.92
CA LEU A 323 -18.42 11.25 24.26
C LEU A 323 -19.91 11.57 24.31
N LYS A 324 -20.48 12.10 23.23
CA LYS A 324 -21.91 12.51 23.15
C LYS A 324 -22.81 11.27 23.05
N VAL A 325 -22.44 10.28 22.24
CA VAL A 325 -23.20 8.99 22.13
C VAL A 325 -23.28 8.35 23.52
N LEU A 326 -22.17 8.30 24.26
CA LEU A 326 -22.07 7.70 25.62
C LEU A 326 -22.96 8.48 26.60
N GLU A 327 -22.87 9.81 26.61
CA GLU A 327 -23.71 10.71 27.44
C GLU A 327 -25.20 10.42 27.17
N ILE A 328 -25.59 10.34 25.89
CA ILE A 328 -26.98 10.01 25.46
C ILE A 328 -27.39 8.65 26.06
N LEU A 329 -26.59 7.60 25.81
CA LEU A 329 -26.93 6.20 26.18
C LEU A 329 -26.90 6.02 27.70
N GLY A 330 -26.01 6.75 28.39
CA GLY A 330 -25.89 6.70 29.87
C GLY A 330 -27.17 7.14 30.56
N LYS A 331 -27.94 8.03 29.91
CA LYS A 331 -29.17 8.63 30.49
C LYS A 331 -30.42 7.83 30.07
N LYS A 332 -30.30 6.93 29.09
CA LYS A 332 -31.45 6.10 28.60
C LYS A 332 -31.33 4.66 29.10
N PHE A 333 -30.15 4.25 29.60
CA PHE A 333 -29.87 2.85 30.02
C PHE A 333 -29.27 2.83 31.43
N PRO A 334 -29.47 1.74 32.20
CA PRO A 334 -28.98 1.66 33.58
C PRO A 334 -27.45 1.57 33.65
N VAL A 335 -26.81 2.70 33.96
CA VAL A 335 -25.32 2.84 34.03
C VAL A 335 -24.88 2.45 35.44
N THR A 336 -23.78 1.68 35.53
CA THR A 336 -23.15 1.30 36.83
C THR A 336 -21.82 2.05 36.96
N GLU A 337 -21.22 1.98 38.14
CA GLU A 337 -19.89 2.54 38.48
C GLU A 337 -19.00 1.39 38.99
N ASN A 338 -17.94 1.05 38.26
CA ASN A 338 -17.06 -0.10 38.55
C ASN A 338 -16.15 0.24 39.74
N SER A 339 -15.31 -0.74 40.13
CA SER A 339 -14.42 -0.71 41.32
C SER A 339 -13.59 0.57 41.38
N LYS A 340 -13.21 1.12 40.22
CA LYS A 340 -12.18 2.19 40.09
C LYS A 340 -12.84 3.56 39.85
N GLY A 341 -14.18 3.63 39.82
CA GLY A 341 -14.96 4.88 39.81
C GLY A 341 -15.41 5.29 38.41
N TYR A 342 -15.24 4.41 37.42
CA TYR A 342 -15.54 4.71 35.99
C TYR A 342 -16.90 4.10 35.63
N LYS A 343 -17.60 4.73 34.69
CA LYS A 343 -19.00 4.43 34.33
C LYS A 343 -19.02 3.32 33.27
N LEU A 344 -19.98 2.40 33.40
CA LEU A 344 -20.09 1.17 32.57
C LEU A 344 -21.55 1.00 32.13
N LEU A 345 -21.78 0.90 30.82
CA LEU A 345 -23.09 0.52 30.23
C LEU A 345 -23.45 -0.88 30.69
N PRO A 346 -24.75 -1.26 30.68
CA PRO A 346 -25.13 -2.64 30.97
C PRO A 346 -24.50 -3.57 29.92
N PRO A 347 -24.27 -4.86 30.26
CA PRO A 347 -23.47 -5.76 29.42
C PRO A 347 -24.05 -6.04 28.03
N TYR A 348 -25.33 -5.74 27.79
CA TYR A 348 -26.04 -5.99 26.50
C TYR A 348 -25.85 -4.81 25.54
N LEU A 349 -25.10 -3.76 25.93
CA LEU A 349 -24.93 -2.52 25.13
C LEU A 349 -23.46 -2.08 25.14
N ARG A 350 -22.84 -1.99 23.96
CA ARG A 350 -21.45 -1.52 23.75
C ARG A 350 -21.40 -0.59 22.55
N VAL A 351 -20.26 0.11 22.36
CA VAL A 351 -20.04 1.09 21.26
C VAL A 351 -18.76 0.69 20.51
N ILE A 352 -18.74 0.95 19.19
CA ILE A 352 -17.51 0.84 18.34
C ILE A 352 -17.42 2.10 17.48
N GLN A 353 -16.25 2.74 17.50
CA GLN A 353 -15.86 3.89 16.62
C GLN A 353 -15.01 3.34 15.48
N GLY A 354 -15.53 3.35 14.26
CA GLY A 354 -14.90 2.73 13.07
C GLY A 354 -14.55 3.73 11.99
N ASP A 355 -14.45 5.02 12.35
CA ASP A 355 -14.16 6.13 11.41
C ASP A 355 -13.01 7.01 11.96
N GLY A 356 -11.98 7.22 11.16
CA GLY A 356 -10.88 8.17 11.43
C GLY A 356 -9.97 7.69 12.55
N VAL A 357 -9.89 6.38 12.75
CA VAL A 357 -9.09 5.75 13.85
C VAL A 357 -7.71 5.41 13.29
N ASP A 358 -6.69 6.12 13.81
CA ASP A 358 -5.25 5.77 13.68
C ASP A 358 -4.68 5.76 15.10
N ILE A 359 -3.38 5.46 15.25
CA ILE A 359 -2.69 5.41 16.59
C ILE A 359 -2.91 6.73 17.34
N ASN A 360 -2.97 7.87 16.64
CA ASN A 360 -3.06 9.21 17.26
C ASN A 360 -4.48 9.44 17.80
N THR A 361 -5.52 9.22 17.00
CA THR A 361 -6.94 9.45 17.39
C THR A 361 -7.36 8.41 18.45
N LEU A 362 -6.88 7.18 18.34
CA LEU A 362 -7.08 6.10 19.35
C LEU A 362 -6.70 6.66 20.73
N GLN A 363 -5.47 7.17 20.87
CA GLN A 363 -4.91 7.78 22.11
C GLN A 363 -5.79 8.96 22.55
N GLU A 364 -6.26 9.78 21.60
CA GLU A 364 -7.11 10.98 21.85
C GLU A 364 -8.40 10.56 22.54
N ILE A 365 -9.07 9.52 22.01
CA ILE A 365 -10.43 9.08 22.42
C ILE A 365 -10.36 8.46 23.83
N VAL A 366 -9.46 7.51 24.07
CA VAL A 366 -9.37 6.77 25.36
C VAL A 366 -9.02 7.77 26.48
N GLU A 367 -8.14 8.74 26.22
CA GLU A 367 -7.77 9.82 27.19
C GLU A 367 -9.00 10.69 27.44
N GLY A 368 -9.72 11.05 26.38
CA GLY A 368 -10.98 11.83 26.45
C GLY A 368 -12.05 11.11 27.26
N MET A 369 -12.24 9.82 27.02
CA MET A 369 -13.20 8.96 27.77
C MET A 369 -12.80 8.90 29.25
N LYS A 370 -11.50 8.75 29.54
CA LYS A 370 -10.94 8.70 30.92
C LYS A 370 -11.27 10.01 31.66
N GLN A 371 -11.14 11.15 30.99
CA GLN A 371 -11.35 12.51 31.57
C GLN A 371 -12.83 12.67 32.00
N LYS A 372 -13.74 11.98 31.31
CA LYS A 372 -15.21 12.05 31.54
C LYS A 372 -15.70 10.80 32.29
N MET A 373 -14.76 10.03 32.87
CA MET A 373 -15.02 8.92 33.83
C MET A 373 -15.80 7.78 33.15
N TRP A 374 -15.58 7.55 31.84
CA TRP A 374 -16.11 6.37 31.10
C TRP A 374 -15.02 5.30 31.02
N SER A 375 -15.32 4.06 31.40
CA SER A 375 -14.41 2.89 31.26
C SER A 375 -14.19 2.58 29.77
N ILE A 376 -13.01 2.07 29.44
CA ILE A 376 -12.64 1.60 28.07
C ILE A 376 -13.34 0.26 27.80
N GLU A 377 -13.90 -0.37 28.85
CA GLU A 377 -14.77 -1.59 28.74
C GLU A 377 -15.92 -1.32 27.75
N ASN A 378 -16.39 -0.06 27.70
CA ASN A 378 -17.60 0.38 26.95
C ASN A 378 -17.40 0.28 25.43
N ILE A 379 -16.16 0.42 24.96
CA ILE A 379 -15.85 0.77 23.54
C ILE A 379 -14.85 -0.24 22.95
N ALA A 380 -14.97 -0.49 21.64
CA ALA A 380 -13.96 -1.13 20.79
C ALA A 380 -13.76 -0.26 19.53
N PHE A 381 -12.65 -0.45 18.82
CA PHE A 381 -12.25 0.39 17.66
C PHE A 381 -12.19 -0.46 16.39
N GLY A 382 -12.67 0.13 15.29
CA GLY A 382 -12.46 -0.33 13.90
C GLY A 382 -11.52 0.62 13.17
N SER A 383 -10.44 0.08 12.61
CA SER A 383 -9.44 0.85 11.83
C SER A 383 -9.20 0.15 10.49
N GLY A 384 -9.26 0.92 9.39
CA GLY A 384 -9.02 0.43 8.03
C GLY A 384 -7.73 1.01 7.45
N GLY A 385 -7.81 2.23 6.90
CA GLY A 385 -6.67 2.95 6.29
C GLY A 385 -5.57 3.22 7.30
N GLY A 386 -5.95 3.68 8.51
CA GLY A 386 -5.03 3.91 9.63
C GLY A 386 -4.24 2.65 10.00
N LEU A 387 -4.84 1.47 9.86
CA LEU A 387 -4.23 0.18 10.29
C LEU A 387 -3.33 -0.39 9.19
N LEU A 388 -3.78 -0.40 7.92
CA LEU A 388 -3.16 -1.21 6.83
C LEU A 388 -2.58 -0.37 5.68
N GLN A 389 -2.93 0.92 5.52
CA GLN A 389 -2.52 1.69 4.31
C GLN A 389 -1.65 2.89 4.69
N LYS A 390 -2.04 3.67 5.71
CA LYS A 390 -1.38 4.97 6.05
C LYS A 390 -0.06 4.68 6.78
N LEU A 391 0.85 3.97 6.12
CA LEU A 391 2.19 3.57 6.63
C LEU A 391 3.19 3.58 5.48
N THR A 392 4.45 3.96 5.75
CA THR A 392 5.54 4.02 4.75
C THR A 392 6.79 3.31 5.29
N ARG A 393 7.75 3.08 4.41
CA ARG A 393 9.10 2.53 4.74
C ARG A 393 9.87 3.54 5.62
N ASP A 394 9.45 4.80 5.62
CA ASP A 394 10.11 5.92 6.37
C ASP A 394 9.81 5.85 7.87
N LEU A 395 8.67 5.29 8.28
CA LEU A 395 8.20 5.33 9.70
C LEU A 395 9.24 4.71 10.63
N LEU A 396 9.77 3.53 10.28
CA LEU A 396 10.76 2.79 11.12
C LEU A 396 12.15 2.82 10.46
N ASN A 397 12.31 3.59 9.39
CA ASN A 397 13.58 3.68 8.60
C ASN A 397 14.06 2.26 8.27
N CYS A 398 13.18 1.44 7.69
CA CYS A 398 13.48 0.08 7.18
C CYS A 398 14.44 0.23 6.00
N SER A 399 15.59 -0.44 6.06
CA SER A 399 16.74 -0.19 5.16
C SER A 399 17.62 -1.44 5.03
N PHE A 400 18.17 -1.65 3.83
CA PHE A 400 19.03 -2.79 3.44
C PHE A 400 20.32 -2.20 2.84
N LYS A 401 21.47 -2.56 3.40
CA LYS A 401 22.79 -1.99 3.01
C LYS A 401 23.88 -3.07 3.03
N CYS A 402 24.86 -2.95 2.13
CA CYS A 402 26.10 -3.76 2.08
C CYS A 402 27.04 -3.28 3.19
N SER A 403 27.52 -4.20 4.03
CA SER A 403 28.42 -3.92 5.19
C SER A 403 29.79 -4.63 5.02
N TYR A 404 29.91 -5.61 4.12
CA TYR A 404 31.11 -6.47 4.01
C TYR A 404 31.21 -7.07 2.60
N VAL A 405 32.38 -6.92 1.97
CA VAL A 405 32.73 -7.58 0.67
C VAL A 405 34.08 -8.29 0.83
N VAL A 406 34.34 -9.28 -0.04
CA VAL A 406 35.67 -9.93 -0.22
C VAL A 406 36.11 -9.69 -1.66
N THR A 407 37.14 -8.86 -1.85
CA THR A 407 37.76 -8.54 -3.16
C THR A 407 39.22 -9.00 -3.12
N ASN A 408 39.68 -9.74 -4.15
CA ASN A 408 41.05 -10.31 -4.24
C ASN A 408 41.38 -11.13 -2.98
N GLY A 409 40.41 -11.89 -2.45
CA GLY A 409 40.58 -12.76 -1.27
C GLY A 409 40.65 -11.99 0.04
N LEU A 410 40.51 -10.66 0.02
CA LEU A 410 40.65 -9.78 1.20
C LEU A 410 39.28 -9.19 1.57
N GLY A 411 38.78 -9.51 2.76
CA GLY A 411 37.54 -8.94 3.32
C GLY A 411 37.73 -7.46 3.65
N ILE A 412 36.76 -6.63 3.27
CA ILE A 412 36.73 -5.16 3.56
C ILE A 412 35.43 -4.84 4.31
N ASN A 413 35.53 -4.06 5.38
CA ASN A 413 34.38 -3.48 6.13
C ASN A 413 33.93 -2.21 5.37
N VAL A 414 32.67 -2.16 4.95
CA VAL A 414 32.13 -1.11 4.03
C VAL A 414 30.85 -0.54 4.63
N PHE A 415 30.54 0.70 4.27
CA PHE A 415 29.46 1.53 4.87
C PHE A 415 29.28 2.82 4.08
N LYS A 416 28.13 3.46 4.28
CA LYS A 416 27.85 4.86 3.83
C LYS A 416 27.81 5.74 5.08
N ASP A 417 28.17 7.02 4.94
CA ASP A 417 28.22 8.01 6.04
C ASP A 417 28.05 9.41 5.44
N PRO A 418 26.85 9.76 4.93
CA PRO A 418 26.63 11.06 4.27
C PRO A 418 26.89 12.23 5.23
N VAL A 419 27.61 13.25 4.75
CA VAL A 419 28.10 14.41 5.55
C VAL A 419 26.90 15.17 6.15
N ALA A 420 25.80 15.32 5.39
CA ALA A 420 24.65 16.18 5.74
C ALA A 420 23.53 15.39 6.43
N ASP A 421 23.72 14.10 6.71
CA ASP A 421 22.74 13.28 7.47
C ASP A 421 23.44 12.10 8.16
N PRO A 422 23.98 12.31 9.38
CA PRO A 422 24.54 11.22 10.19
C PRO A 422 23.56 10.07 10.50
N ASN A 423 22.25 10.34 10.43
CA ASN A 423 21.20 9.34 10.73
C ASN A 423 21.13 8.27 9.63
N LYS A 424 21.78 8.49 8.48
CA LYS A 424 21.81 7.52 7.34
C LYS A 424 23.14 6.74 7.33
N ARG A 425 24.00 6.93 8.33
CA ARG A 425 25.23 6.12 8.55
C ARG A 425 24.83 4.65 8.67
N SER A 426 25.53 3.75 7.98
CA SER A 426 25.29 2.28 8.02
C SER A 426 26.39 1.57 8.81
N LYS A 427 26.13 0.34 9.26
CA LYS A 427 27.02 -0.48 10.11
C LYS A 427 28.15 -1.08 9.26
N LYS A 428 29.29 -1.39 9.88
CA LYS A 428 30.53 -1.89 9.24
C LYS A 428 30.70 -3.40 9.44
N GLY A 429 31.09 -4.11 8.38
CA GLY A 429 31.60 -5.50 8.44
C GLY A 429 30.51 -6.51 8.78
N ARG A 430 30.93 -7.74 9.11
CA ARG A 430 30.02 -8.87 9.45
C ARG A 430 29.34 -8.60 10.79
N LEU A 431 28.02 -8.77 10.85
CA LEU A 431 27.17 -8.37 12.00
C LEU A 431 26.65 -9.62 12.73
N SER A 432 26.31 -9.44 14.00
CA SER A 432 25.76 -10.49 14.91
C SER A 432 24.91 -9.83 16.00
N LEU A 433 23.77 -10.44 16.36
CA LEU A 433 22.82 -9.93 17.38
C LEU A 433 23.00 -10.74 18.67
N HIS A 434 23.14 -10.05 19.81
CA HIS A 434 23.47 -10.67 21.12
C HIS A 434 22.60 -10.09 22.24
N ARG A 435 22.44 -10.87 23.32
CA ARG A 435 21.85 -10.46 24.62
C ARG A 435 22.95 -9.74 25.41
N THR A 436 22.67 -8.52 25.92
CA THR A 436 23.56 -7.80 26.86
C THR A 436 23.44 -8.45 28.24
N PRO A 437 24.37 -8.20 29.18
CA PRO A 437 24.27 -8.79 30.52
C PRO A 437 23.03 -8.33 31.31
N ALA A 438 22.45 -7.18 30.95
CA ALA A 438 21.24 -6.58 31.58
C ALA A 438 19.97 -7.06 30.87
N GLY A 439 20.10 -7.86 29.81
CA GLY A 439 18.98 -8.54 29.13
C GLY A 439 18.40 -7.73 27.97
N ASN A 440 19.17 -6.78 27.43
CA ASN A 440 18.81 -5.98 26.22
C ASN A 440 19.53 -6.59 25.00
N PHE A 441 19.39 -5.97 23.83
CA PHE A 441 20.01 -6.41 22.56
C PHE A 441 21.15 -5.47 22.18
N VAL A 442 22.17 -6.01 21.53
CA VAL A 442 23.29 -5.25 20.91
C VAL A 442 23.65 -5.94 19.59
N THR A 443 23.96 -5.15 18.56
CA THR A 443 24.54 -5.62 17.28
C THR A 443 26.06 -5.34 17.30
N LEU A 444 26.87 -6.40 17.27
CA LEU A 444 28.35 -6.31 17.17
C LEU A 444 28.75 -6.19 15.70
N GLU A 445 29.63 -5.24 15.39
CA GLU A 445 30.10 -4.95 14.00
C GLU A 445 31.51 -5.51 13.84
N GLU A 446 32.03 -5.52 12.61
CA GLU A 446 33.45 -5.81 12.26
C GLU A 446 33.83 -7.25 12.68
N GLY A 447 32.85 -8.16 12.69
CA GLY A 447 33.06 -9.60 12.98
C GLY A 447 33.34 -9.88 14.45
N LYS A 448 33.16 -8.89 15.33
CA LYS A 448 33.48 -8.95 16.78
C LYS A 448 32.67 -10.04 17.50
N GLY A 449 31.58 -10.53 16.90
CA GLY A 449 30.76 -11.62 17.45
C GLY A 449 31.54 -12.94 17.51
N ASP A 450 32.61 -13.08 16.73
CA ASP A 450 33.46 -14.31 16.65
C ASP A 450 34.25 -14.49 17.96
N LEU A 451 34.51 -13.39 18.68
CA LEU A 451 34.98 -13.41 20.09
C LEU A 451 33.77 -13.79 20.95
N GLU A 452 33.95 -14.64 21.96
CA GLU A 452 32.84 -15.26 22.74
C GLU A 452 32.55 -14.39 23.98
N GLU A 453 32.68 -13.07 23.87
CA GLU A 453 32.57 -12.09 24.99
C GLU A 453 31.09 -11.79 25.26
N TYR A 454 30.24 -12.01 24.25
CA TYR A 454 28.76 -12.04 24.36
C TYR A 454 28.32 -13.48 24.13
N GLY A 455 27.03 -13.79 24.33
CA GLY A 455 26.51 -15.16 24.22
C GLY A 455 26.53 -15.65 22.78
N GLN A 456 25.57 -16.50 22.42
CA GLN A 456 25.36 -17.03 21.04
C GLN A 456 24.71 -15.93 20.18
N ASP A 457 25.01 -15.95 18.87
CA ASP A 457 24.34 -15.10 17.85
C ASP A 457 22.86 -15.49 17.82
N LEU A 458 21.94 -14.52 17.90
CA LEU A 458 20.48 -14.78 17.95
C LEU A 458 19.90 -14.92 16.53
N LEU A 459 20.65 -14.56 15.49
CA LEU A 459 20.27 -14.80 14.07
C LEU A 459 20.46 -16.29 13.77
N HIS A 460 19.46 -16.94 13.17
CA HIS A 460 19.49 -18.35 12.71
C HIS A 460 19.40 -18.36 11.18
N THR A 461 20.13 -19.28 10.52
CA THR A 461 19.98 -19.57 9.08
C THR A 461 18.52 -19.98 8.84
N VAL A 462 17.78 -19.21 8.05
CA VAL A 462 16.35 -19.48 7.68
C VAL A 462 16.27 -19.87 6.21
N PHE A 463 17.28 -19.53 5.40
CA PHE A 463 17.34 -19.81 3.94
C PHE A 463 18.79 -20.11 3.54
N LYS A 464 18.98 -21.15 2.72
CA LYS A 464 20.31 -21.57 2.20
C LYS A 464 20.11 -22.39 0.93
N ASN A 465 20.69 -21.94 -0.19
CA ASN A 465 20.81 -22.69 -1.48
C ASN A 465 19.43 -23.19 -1.91
N GLY A 466 18.43 -22.31 -1.86
CA GLY A 466 17.08 -22.52 -2.42
C GLY A 466 16.14 -23.26 -1.47
N LYS A 467 16.57 -23.57 -0.25
CA LYS A 467 15.75 -24.32 0.75
C LYS A 467 15.50 -23.43 1.97
N VAL A 468 14.26 -23.42 2.46
CA VAL A 468 13.89 -22.76 3.76
C VAL A 468 14.21 -23.76 4.87
N THR A 469 15.13 -23.40 5.77
CA THR A 469 15.84 -24.29 6.72
C THR A 469 15.32 -24.12 8.15
N LYS A 470 14.42 -23.17 8.40
CA LYS A 470 13.84 -22.90 9.73
C LYS A 470 12.54 -22.09 9.56
N SER A 471 11.47 -22.54 10.22
CA SER A 471 10.10 -21.95 10.14
C SER A 471 9.54 -21.77 11.56
N TYR A 472 8.53 -20.91 11.68
CA TYR A 472 7.80 -20.61 12.94
C TYR A 472 6.30 -20.67 12.68
N SER A 473 5.56 -21.32 13.57
CA SER A 473 4.06 -21.31 13.57
C SER A 473 3.58 -19.90 13.94
N PHE A 474 2.35 -19.56 13.59
CA PHE A 474 1.74 -18.26 13.94
C PHE A 474 1.58 -18.19 15.47
N ASP A 475 1.45 -19.35 16.12
CA ASP A 475 1.33 -19.51 17.59
C ASP A 475 2.61 -19.04 18.28
N GLU A 476 3.77 -19.53 17.83
CA GLU A 476 5.11 -19.13 18.31
C GLU A 476 5.25 -17.61 18.18
N ILE A 477 4.95 -17.07 17.00
CA ILE A 477 5.09 -15.63 16.63
C ILE A 477 4.26 -14.78 17.61
N ARG A 478 3.03 -15.21 17.90
CA ARG A 478 2.12 -14.51 18.85
C ARG A 478 2.74 -14.49 20.24
N LYS A 479 3.28 -15.63 20.69
CA LYS A 479 3.90 -15.79 22.03
C LYS A 479 5.08 -14.82 22.14
N ASN A 480 5.92 -14.74 21.10
CA ASN A 480 7.14 -13.87 21.04
C ASN A 480 6.73 -12.39 21.10
N ALA A 481 5.56 -12.05 20.54
CA ALA A 481 5.08 -10.66 20.30
C ALA A 481 4.22 -10.15 21.48
N GLN A 482 4.04 -10.96 22.53
CA GLN A 482 3.23 -10.61 23.73
C GLN A 482 3.72 -9.30 24.36
N LEU A 483 2.81 -8.57 25.02
CA LEU A 483 3.15 -7.43 25.92
C LEU A 483 3.66 -8.03 27.25
N ASN A 484 4.45 -7.28 28.01
CA ASN A 484 5.10 -7.75 29.27
C ASN A 484 4.02 -8.10 30.31
N ILE A 485 3.58 -7.11 31.10
CA ILE A 485 2.53 -7.25 32.16
C ILE A 485 2.61 -8.65 32.78
N PHE B 10 -7.15 -18.01 -6.06
CA PHE B 10 -8.08 -16.91 -5.64
C PHE B 10 -9.52 -17.43 -5.57
N ASN B 11 -10.23 -17.06 -4.51
CA ASN B 11 -11.64 -17.43 -4.25
C ASN B 11 -12.44 -16.17 -3.92
N ILE B 12 -13.25 -15.68 -4.87
CA ILE B 12 -14.08 -14.45 -4.74
C ILE B 12 -15.00 -14.54 -3.51
N LEU B 13 -15.32 -15.77 -3.05
CA LEU B 13 -16.18 -16.00 -1.85
C LEU B 13 -15.42 -15.64 -0.56
N LEU B 14 -14.10 -15.50 -0.62
CA LEU B 14 -13.24 -15.12 0.54
C LEU B 14 -12.57 -13.76 0.28
N ALA B 15 -13.09 -12.98 -0.68
CA ALA B 15 -12.50 -11.69 -1.13
C ALA B 15 -13.49 -10.54 -0.89
N THR B 16 -14.13 -10.53 0.28
CA THR B 16 -15.07 -9.47 0.74
C THR B 16 -14.84 -9.22 2.23
N ASP B 17 -15.37 -8.11 2.75
CA ASP B 17 -15.38 -7.81 4.22
C ASP B 17 -16.25 -8.88 4.90
N SER B 18 -15.80 -9.39 6.04
CA SER B 18 -16.51 -10.47 6.77
C SER B 18 -18.00 -10.14 6.89
N TYR B 19 -18.34 -8.91 7.32
CA TYR B 19 -19.72 -8.51 7.71
C TYR B 19 -20.67 -8.65 6.52
N LYS B 20 -20.17 -8.50 5.29
CA LYS B 20 -20.98 -8.59 4.04
C LYS B 20 -21.49 -10.04 3.84
N VAL B 21 -20.86 -11.03 4.48
CA VAL B 21 -21.34 -12.44 4.46
C VAL B 21 -22.74 -12.51 5.09
N THR B 22 -23.06 -11.59 6.02
CA THR B 22 -24.31 -11.59 6.83
C THR B 22 -25.37 -10.65 6.25
N HIS B 23 -25.06 -9.93 5.17
CA HIS B 23 -25.88 -8.79 4.67
C HIS B 23 -27.15 -9.27 3.93
N TYR B 24 -27.13 -10.45 3.31
CA TYR B 24 -28.28 -11.01 2.54
C TYR B 24 -29.50 -11.19 3.46
N LYS B 25 -29.28 -11.27 4.77
CA LYS B 25 -30.36 -11.40 5.80
C LYS B 25 -30.77 -10.03 6.37
N GLN B 26 -30.22 -8.92 5.86
CA GLN B 26 -30.39 -7.57 6.48
C GLN B 26 -31.20 -6.63 5.57
N TYR B 27 -31.18 -6.85 4.25
CA TYR B 27 -31.97 -6.05 3.27
C TYR B 27 -33.46 -6.30 3.52
N PRO B 28 -34.36 -5.38 3.08
CA PRO B 28 -35.79 -5.66 3.15
C PRO B 28 -36.12 -6.93 2.37
N PRO B 29 -36.98 -7.83 2.90
CA PRO B 29 -37.49 -8.96 2.13
C PRO B 29 -38.22 -8.50 0.86
N ASN B 30 -38.16 -9.30 -0.21
CA ASN B 30 -38.75 -9.02 -1.55
C ASN B 30 -37.98 -7.86 -2.21
N THR B 31 -36.65 -7.84 -2.04
CA THR B 31 -35.70 -6.94 -2.75
C THR B 31 -35.15 -7.69 -3.97
N SER B 32 -35.41 -7.18 -5.18
CA SER B 32 -35.04 -7.80 -6.48
C SER B 32 -33.82 -7.09 -7.11
N LYS B 33 -33.53 -5.87 -6.69
CA LYS B 33 -32.46 -5.01 -7.29
C LYS B 33 -31.75 -4.23 -6.18
N VAL B 34 -30.41 -4.28 -6.17
CA VAL B 34 -29.54 -3.32 -5.44
C VAL B 34 -28.61 -2.68 -6.47
N TYR B 35 -28.73 -1.36 -6.65
CA TYR B 35 -27.97 -0.54 -7.63
C TYR B 35 -27.06 0.42 -6.84
N SER B 36 -25.75 0.31 -7.04
CA SER B 36 -24.70 1.04 -6.29
C SER B 36 -23.76 1.77 -7.26
N TYR B 37 -23.04 2.79 -6.79
CA TYR B 37 -22.17 3.67 -7.61
C TYR B 37 -20.87 3.98 -6.86
N PHE B 38 -19.82 4.33 -7.61
CA PHE B 38 -18.50 4.76 -7.11
C PHE B 38 -18.27 6.21 -7.56
N GLU B 39 -17.76 7.06 -6.67
CA GLU B 39 -17.38 8.46 -6.97
C GLU B 39 -16.12 8.82 -6.17
N CYS B 40 -15.43 9.89 -6.58
CA CYS B 40 -14.40 10.61 -5.79
C CYS B 40 -15.07 11.84 -5.17
N ARG B 41 -15.69 11.64 -4.00
CA ARG B 41 -16.61 12.60 -3.32
C ARG B 41 -15.92 13.97 -3.20
N GLU B 42 -16.65 15.06 -3.44
CA GLU B 42 -16.06 16.43 -3.45
C GLU B 42 -16.05 16.96 -2.00
N LYS B 43 -15.23 17.98 -1.74
CA LYS B 43 -14.80 18.41 -0.39
C LYS B 43 -15.52 19.71 0.01
N LYS B 44 -14.98 20.43 1.00
CA LYS B 44 -15.61 21.62 1.67
C LYS B 44 -15.18 22.92 0.99
N LYS B 54 -4.90 20.24 -3.43
CA LYS B 54 -6.36 20.30 -3.72
C LYS B 54 -6.63 19.64 -5.08
N TYR B 55 -7.17 18.41 -5.05
CA TYR B 55 -7.28 17.49 -6.22
C TYR B 55 -8.68 17.58 -6.84
N GLU B 56 -8.85 18.49 -7.80
CA GLU B 56 -10.17 18.92 -8.33
C GLU B 56 -10.65 17.98 -9.44
N GLU B 57 -9.75 17.22 -10.07
CA GLU B 57 -10.09 16.29 -11.18
C GLU B 57 -9.24 15.02 -11.06
N THR B 58 -9.85 13.85 -11.33
CA THR B 58 -9.24 12.51 -11.11
C THR B 58 -9.11 11.76 -12.44
N VAL B 59 -8.01 11.05 -12.63
CA VAL B 59 -7.83 10.10 -13.76
C VAL B 59 -8.51 8.78 -13.38
N PHE B 60 -9.49 8.33 -14.16
CA PHE B 60 -10.13 7.00 -13.99
C PHE B 60 -9.26 5.94 -14.67
N TYR B 61 -8.61 5.10 -13.87
CA TYR B 61 -7.75 3.99 -14.34
C TYR B 61 -7.74 2.87 -13.30
N GLY B 62 -7.82 1.61 -13.74
CA GLY B 62 -7.57 0.42 -12.91
C GLY B 62 -8.69 -0.60 -12.95
N LEU B 63 -9.94 -0.18 -13.21
CA LEU B 63 -11.14 -1.07 -13.14
C LEU B 63 -10.92 -2.30 -14.04
N GLN B 64 -10.43 -2.09 -15.26
CA GLN B 64 -10.26 -3.13 -16.31
C GLN B 64 -9.39 -4.27 -15.78
N TYR B 65 -8.27 -3.95 -15.12
CA TYR B 65 -7.36 -4.93 -14.45
C TYR B 65 -8.18 -5.87 -13.58
N ILE B 66 -9.06 -5.30 -12.74
CA ILE B 66 -9.84 -6.04 -11.70
C ILE B 66 -10.90 -6.90 -12.39
N LEU B 67 -11.58 -6.36 -13.40
CA LEU B 67 -12.62 -7.09 -14.19
C LEU B 67 -12.02 -8.40 -14.71
N ASN B 68 -10.82 -8.32 -15.31
CA ASN B 68 -10.17 -9.46 -16.01
C ASN B 68 -9.57 -10.45 -15.02
N LYS B 69 -8.88 -9.96 -13.98
CA LYS B 69 -8.09 -10.81 -13.05
C LYS B 69 -9.02 -11.58 -12.10
N TYR B 70 -10.13 -10.99 -11.66
CA TYR B 70 -10.89 -11.45 -10.46
C TYR B 70 -12.38 -11.73 -10.74
N LEU B 71 -13.04 -11.01 -11.66
CA LEU B 71 -14.52 -11.02 -11.77
C LEU B 71 -15.00 -11.84 -12.98
N LYS B 72 -14.26 -11.88 -14.10
CA LYS B 72 -14.76 -12.44 -15.38
C LYS B 72 -14.70 -13.96 -15.36
N GLY B 73 -15.60 -14.61 -16.09
CA GLY B 73 -15.60 -16.06 -16.36
C GLY B 73 -16.22 -16.87 -15.22
N LYS B 74 -15.79 -18.12 -15.08
CA LYS B 74 -16.25 -19.05 -14.01
C LYS B 74 -15.44 -18.77 -12.73
N VAL B 75 -16.02 -18.00 -11.81
CA VAL B 75 -15.37 -17.54 -10.54
C VAL B 75 -15.90 -18.38 -9.36
N VAL B 76 -16.99 -19.13 -9.57
CA VAL B 76 -17.64 -19.99 -8.53
C VAL B 76 -17.49 -21.46 -8.95
N THR B 77 -17.04 -22.31 -8.03
CA THR B 77 -16.98 -23.79 -8.17
C THR B 77 -17.51 -24.45 -6.89
N LYS B 78 -17.83 -25.74 -6.97
CA LYS B 78 -18.34 -26.57 -5.84
C LYS B 78 -17.29 -26.57 -4.71
N GLU B 79 -16.00 -26.55 -5.08
CA GLU B 79 -14.85 -26.61 -4.13
C GLU B 79 -14.72 -25.26 -3.41
N LYS B 80 -14.98 -24.15 -4.11
CA LYS B 80 -14.83 -22.77 -3.57
C LYS B 80 -15.96 -22.47 -2.58
N ILE B 81 -17.18 -22.95 -2.85
CA ILE B 81 -18.37 -22.80 -1.95
C ILE B 81 -18.10 -23.56 -0.64
N GLN B 82 -17.48 -24.75 -0.73
CA GLN B 82 -17.18 -25.62 0.43
C GLN B 82 -16.07 -24.98 1.27
N GLU B 83 -14.96 -24.58 0.64
CA GLU B 83 -13.81 -23.88 1.28
C GLU B 83 -14.35 -22.71 2.12
N ALA B 84 -15.21 -21.89 1.53
CA ALA B 84 -15.81 -20.68 2.15
C ALA B 84 -16.73 -21.07 3.31
N LYS B 85 -17.56 -22.10 3.14
CA LYS B 85 -18.51 -22.58 4.18
C LYS B 85 -17.72 -23.03 5.41
N ASP B 86 -16.61 -23.74 5.21
CA ASP B 86 -15.72 -24.30 6.27
C ASP B 86 -15.06 -23.15 7.04
N VAL B 87 -14.51 -22.17 6.32
CA VAL B 87 -13.75 -21.02 6.90
C VAL B 87 -14.71 -20.15 7.73
N TYR B 88 -15.88 -19.81 7.19
CA TYR B 88 -16.84 -18.85 7.80
C TYR B 88 -17.51 -19.49 9.03
N LYS B 89 -17.70 -20.82 9.02
CA LYS B 89 -18.27 -21.59 10.17
C LYS B 89 -17.38 -21.36 11.41
N GLU B 90 -16.05 -21.37 11.23
CA GLU B 90 -15.07 -21.16 12.31
C GLU B 90 -14.92 -19.66 12.59
N HIS B 91 -14.93 -18.81 11.55
CA HIS B 91 -14.69 -17.34 11.62
C HIS B 91 -15.78 -16.67 12.45
N PHE B 92 -17.05 -17.06 12.24
CA PHE B 92 -18.24 -16.49 12.90
C PHE B 92 -18.65 -17.31 14.13
N GLN B 93 -18.10 -18.52 14.28
CA GLN B 93 -18.54 -19.52 15.29
C GLN B 93 -20.05 -19.73 15.12
N ASP B 94 -20.51 -19.76 13.86
CA ASP B 94 -21.94 -19.80 13.46
C ASP B 94 -22.03 -20.06 11.95
N ASP B 95 -23.16 -20.61 11.48
CA ASP B 95 -23.38 -20.98 10.06
C ASP B 95 -24.29 -19.93 9.41
N VAL B 96 -23.72 -18.79 9.01
CA VAL B 96 -24.46 -17.63 8.42
C VAL B 96 -24.17 -17.53 6.92
N PHE B 97 -23.12 -18.19 6.42
CA PHE B 97 -22.72 -18.19 4.98
C PHE B 97 -23.92 -18.58 4.10
N ASN B 98 -24.16 -17.82 3.03
CA ASN B 98 -25.30 -18.01 2.09
C ASN B 98 -24.95 -19.08 1.04
N GLU B 99 -24.93 -20.36 1.43
CA GLU B 99 -24.59 -21.49 0.53
C GLU B 99 -25.56 -21.53 -0.65
N LYS B 100 -26.87 -21.38 -0.39
CA LYS B 100 -27.96 -21.53 -1.40
C LYS B 100 -27.78 -20.48 -2.49
N GLY B 101 -27.52 -19.23 -2.12
CA GLY B 101 -27.31 -18.09 -3.04
C GLY B 101 -26.13 -18.30 -3.97
N TRP B 102 -25.02 -18.83 -3.46
CA TRP B 102 -23.79 -19.11 -4.25
C TRP B 102 -24.01 -20.34 -5.15
N ASN B 103 -24.74 -21.34 -4.65
CA ASN B 103 -25.10 -22.56 -5.44
C ASN B 103 -25.95 -22.15 -6.64
N TYR B 104 -26.93 -21.27 -6.43
CA TYR B 104 -27.81 -20.72 -7.49
C TYR B 104 -26.95 -20.19 -8.66
N ILE B 105 -25.87 -19.46 -8.36
CA ILE B 105 -24.98 -18.82 -9.37
C ILE B 105 -24.24 -19.93 -10.14
N LEU B 106 -23.76 -20.95 -9.43
CA LEU B 106 -23.05 -22.12 -10.01
C LEU B 106 -23.97 -22.84 -11.01
N GLU B 107 -25.20 -23.17 -10.61
CA GLU B 107 -26.13 -24.02 -11.39
C GLU B 107 -26.77 -23.24 -12.55
N LYS B 108 -27.18 -21.99 -12.32
CA LYS B 108 -27.96 -21.19 -13.32
C LYS B 108 -27.02 -20.62 -14.39
N TYR B 109 -25.86 -20.08 -14.00
CA TYR B 109 -24.98 -19.27 -14.88
C TYR B 109 -23.57 -19.87 -14.99
N ASP B 110 -23.40 -21.14 -14.63
CA ASP B 110 -22.10 -21.86 -14.71
C ASP B 110 -21.02 -21.03 -13.98
N GLY B 111 -21.36 -20.46 -12.81
CA GLY B 111 -20.42 -19.74 -11.91
C GLY B 111 -20.04 -18.36 -12.42
N HIS B 112 -20.79 -17.81 -13.39
CA HIS B 112 -20.61 -16.44 -13.95
C HIS B 112 -21.49 -15.46 -13.17
N LEU B 113 -20.92 -14.32 -12.74
CA LEU B 113 -21.61 -13.32 -11.86
C LEU B 113 -22.71 -12.61 -12.67
N PRO B 114 -23.98 -12.73 -12.26
CA PRO B 114 -25.08 -11.97 -12.89
C PRO B 114 -25.06 -10.50 -12.47
N ILE B 115 -24.13 -9.74 -13.05
CA ILE B 115 -23.80 -8.33 -12.66
C ILE B 115 -23.63 -7.51 -13.95
N GLU B 116 -24.15 -6.28 -13.98
CA GLU B 116 -23.85 -5.28 -15.03
C GLU B 116 -23.07 -4.12 -14.38
N ILE B 117 -21.88 -3.82 -14.91
CA ILE B 117 -21.04 -2.65 -14.50
C ILE B 117 -20.94 -1.70 -15.71
N LYS B 118 -21.33 -0.44 -15.51
CA LYS B 118 -21.13 0.68 -16.47
C LYS B 118 -20.05 1.60 -15.89
N ALA B 119 -19.13 2.10 -16.74
CA ALA B 119 -17.97 2.91 -16.31
C ALA B 119 -17.64 3.98 -17.36
N VAL B 120 -17.13 5.14 -16.90
CA VAL B 120 -16.43 6.17 -17.73
C VAL B 120 -15.27 5.47 -18.44
N PRO B 121 -14.87 5.89 -19.66
CA PRO B 121 -13.70 5.30 -20.31
C PRO B 121 -12.42 5.58 -19.50
N GLU B 122 -11.46 4.65 -19.53
CA GLU B 122 -10.20 4.76 -18.74
C GLU B 122 -9.28 5.81 -19.37
N GLY B 123 -8.57 6.57 -18.54
CA GLY B 123 -7.76 7.74 -18.92
C GLY B 123 -8.54 9.04 -18.77
N PHE B 124 -9.88 8.98 -18.73
CA PHE B 124 -10.77 10.16 -18.65
C PHE B 124 -10.46 10.95 -17.38
N VAL B 125 -10.42 12.28 -17.51
CA VAL B 125 -10.16 13.24 -16.41
C VAL B 125 -11.48 13.90 -16.04
N ILE B 126 -12.04 13.53 -14.89
CA ILE B 126 -13.41 13.93 -14.42
C ILE B 126 -13.26 14.73 -13.13
N PRO B 127 -13.96 15.89 -13.01
CA PRO B 127 -14.02 16.62 -11.75
C PRO B 127 -14.58 15.76 -10.60
N ARG B 128 -14.24 16.13 -9.35
CA ARG B 128 -14.68 15.44 -8.11
C ARG B 128 -16.22 15.43 -8.05
N GLY B 129 -16.79 14.35 -7.51
CA GLY B 129 -18.22 14.26 -7.14
C GLY B 129 -19.09 13.83 -8.31
N ASN B 130 -18.53 13.12 -9.28
CA ASN B 130 -19.25 12.58 -10.46
C ASN B 130 -19.20 11.05 -10.43
N VAL B 131 -20.26 10.40 -10.89
CA VAL B 131 -20.35 8.91 -11.02
C VAL B 131 -19.24 8.48 -11.98
N LEU B 132 -18.38 7.55 -11.54
CA LEU B 132 -17.29 6.98 -12.36
C LEU B 132 -17.68 5.58 -12.84
N PHE B 133 -18.38 4.79 -12.00
CA PHE B 133 -18.99 3.50 -12.44
C PHE B 133 -20.20 3.17 -11.53
N THR B 134 -21.14 2.40 -12.09
CA THR B 134 -22.35 1.87 -11.42
C THR B 134 -22.29 0.33 -11.46
N VAL B 135 -22.82 -0.33 -10.42
CA VAL B 135 -22.93 -1.80 -10.31
C VAL B 135 -24.40 -2.15 -10.00
N GLU B 136 -24.94 -3.19 -10.63
CA GLU B 136 -26.27 -3.77 -10.29
C GLU B 136 -26.33 -5.26 -10.67
N ASN B 137 -27.23 -6.00 -10.03
CA ASN B 137 -27.50 -7.43 -10.30
C ASN B 137 -28.47 -7.54 -11.49
N THR B 138 -28.29 -8.56 -12.34
CA THR B 138 -29.13 -8.81 -13.55
C THR B 138 -30.16 -9.91 -13.27
N ASP B 139 -30.11 -10.54 -12.09
CA ASP B 139 -31.06 -11.60 -11.64
C ASP B 139 -31.65 -11.20 -10.30
N PRO B 140 -32.99 -11.17 -10.13
CA PRO B 140 -33.61 -10.79 -8.86
C PRO B 140 -33.10 -11.58 -7.65
N GLU B 141 -32.76 -12.86 -7.85
CA GLU B 141 -32.22 -13.77 -6.80
C GLU B 141 -30.92 -13.19 -6.21
N CYS B 142 -30.16 -12.43 -7.00
CA CYS B 142 -28.75 -12.05 -6.69
C CYS B 142 -28.64 -10.57 -6.26
N TYR B 143 -29.70 -10.02 -5.68
CA TYR B 143 -29.75 -8.66 -5.06
C TYR B 143 -28.53 -8.43 -4.16
N TRP B 144 -28.11 -9.46 -3.41
CA TRP B 144 -27.05 -9.43 -2.36
C TRP B 144 -25.65 -9.32 -2.99
N LEU B 145 -25.50 -9.66 -4.28
CA LEU B 145 -24.18 -9.81 -4.96
C LEU B 145 -23.55 -8.44 -5.22
N THR B 146 -24.36 -7.42 -5.52
CA THR B 146 -23.92 -6.05 -5.91
C THR B 146 -22.89 -5.53 -4.89
N ASN B 147 -23.21 -5.59 -3.60
CA ASN B 147 -22.39 -4.97 -2.53
C ASN B 147 -21.43 -6.00 -1.93
N TRP B 148 -21.63 -7.30 -2.19
CA TRP B 148 -20.60 -8.35 -1.93
C TRP B 148 -19.26 -7.90 -2.53
N ILE B 149 -19.30 -7.39 -3.77
CA ILE B 149 -18.10 -7.06 -4.59
C ILE B 149 -17.70 -5.59 -4.39
N GLU B 150 -18.25 -4.89 -3.38
CA GLU B 150 -17.81 -3.52 -3.03
C GLU B 150 -16.30 -3.53 -2.74
N THR B 151 -15.87 -4.45 -1.88
CA THR B 151 -14.48 -4.49 -1.34
C THR B 151 -13.49 -4.58 -2.49
N ILE B 152 -13.74 -5.47 -3.46
CA ILE B 152 -12.86 -5.73 -4.64
C ILE B 152 -12.84 -4.48 -5.53
N LEU B 153 -14.02 -3.92 -5.81
CA LEU B 153 -14.16 -2.79 -6.77
C LEU B 153 -13.58 -1.51 -6.16
N VAL B 154 -13.69 -1.32 -4.85
CA VAL B 154 -13.26 -0.06 -4.15
C VAL B 154 -11.74 0.07 -4.21
N GLN B 155 -11.02 -1.06 -4.32
CA GLN B 155 -9.53 -1.08 -4.48
C GLN B 155 -9.11 -0.33 -5.76
N SER B 156 -10.05 0.00 -6.65
CA SER B 156 -9.87 0.97 -7.77
C SER B 156 -9.27 2.29 -7.25
N TRP B 157 -9.51 2.63 -5.98
CA TRP B 157 -9.00 3.90 -5.37
C TRP B 157 -7.50 4.03 -5.64
N TYR B 158 -6.75 2.93 -5.55
CA TYR B 158 -5.27 2.95 -5.56
C TYR B 158 -4.76 3.39 -6.93
N PRO B 159 -5.05 2.66 -8.04
CA PRO B 159 -4.59 3.09 -9.36
C PRO B 159 -5.15 4.47 -9.76
N ILE B 160 -6.40 4.78 -9.38
CA ILE B 160 -7.04 6.11 -9.61
C ILE B 160 -6.19 7.19 -8.94
N THR B 161 -5.80 6.97 -7.68
CA THR B 161 -5.11 7.97 -6.84
C THR B 161 -3.67 8.17 -7.35
N VAL B 162 -2.96 7.07 -7.64
CA VAL B 162 -1.54 7.11 -8.12
C VAL B 162 -1.49 7.90 -9.42
N ALA B 163 -2.40 7.59 -10.35
CA ALA B 163 -2.52 8.23 -11.69
C ALA B 163 -2.84 9.71 -11.55
N THR B 164 -3.76 10.07 -10.64
CA THR B 164 -4.20 11.47 -10.39
C THR B 164 -3.00 12.28 -9.85
N ASN B 165 -2.32 11.76 -8.82
CA ASN B 165 -1.23 12.47 -8.08
C ASN B 165 0.00 12.57 -8.98
N SER B 166 0.32 11.52 -9.75
CA SER B 166 1.38 11.52 -10.79
C SER B 166 1.13 12.67 -11.78
N ARG B 167 -0.10 12.80 -12.28
CA ARG B 167 -0.51 13.76 -13.34
C ARG B 167 -0.44 15.20 -12.80
N GLU B 168 -0.85 15.43 -11.55
CA GLU B 168 -0.76 16.76 -10.89
C GLU B 168 0.72 17.16 -10.78
N GLN B 169 1.61 16.21 -10.54
CA GLN B 169 3.09 16.45 -10.49
C GLN B 169 3.59 16.83 -11.90
N LYS B 170 3.03 16.22 -12.93
CA LYS B 170 3.36 16.52 -14.36
C LYS B 170 2.96 17.96 -14.68
N LYS B 171 1.81 18.43 -14.16
CA LYS B 171 1.31 19.82 -14.34
C LYS B 171 2.35 20.80 -13.80
N ILE B 172 2.87 20.55 -12.60
CA ILE B 172 3.89 21.41 -11.92
C ILE B 172 5.17 21.42 -12.77
N LEU B 173 5.68 20.26 -13.16
CA LEU B 173 6.91 20.12 -13.97
C LEU B 173 6.72 20.85 -15.30
N ALA B 174 5.58 20.65 -15.96
CA ALA B 174 5.20 21.27 -17.25
C ALA B 174 5.27 22.80 -17.13
N LYS B 175 4.66 23.34 -16.07
CA LYS B 175 4.50 24.81 -15.85
C LYS B 175 5.87 25.47 -15.73
N TYR B 176 6.81 24.86 -14.99
CA TYR B 176 8.14 25.42 -14.67
C TYR B 176 9.14 25.16 -15.80
N LEU B 177 9.04 24.00 -16.48
CA LEU B 177 9.87 23.66 -17.66
C LEU B 177 9.57 24.66 -18.78
N LEU B 178 8.30 24.99 -18.99
CA LEU B 178 7.85 26.00 -20.00
C LEU B 178 8.39 27.39 -19.62
N GLU B 179 8.18 27.84 -18.38
N GLU B 179 8.21 27.79 -18.36
CA GLU B 179 8.60 29.21 -17.96
CA GLU B 179 8.56 29.13 -17.82
C GLU B 179 10.11 29.37 -18.13
C GLU B 179 10.07 29.39 -17.92
N THR B 180 10.90 28.36 -17.78
CA THR B 180 12.39 28.46 -17.69
C THR B 180 13.11 28.02 -18.97
N SER B 181 12.45 27.26 -19.86
CA SER B 181 13.09 26.68 -21.09
C SER B 181 12.32 27.03 -22.37
N GLY B 182 10.99 27.23 -22.29
CA GLY B 182 10.14 27.59 -23.43
C GLY B 182 9.65 26.39 -24.23
N ASN B 183 9.81 25.17 -23.71
CA ASN B 183 9.35 23.92 -24.34
C ASN B 183 9.11 22.85 -23.26
N LEU B 184 8.62 21.68 -23.66
CA LEU B 184 8.28 20.54 -22.77
C LEU B 184 9.12 19.31 -23.15
N ASP B 185 10.26 19.52 -23.82
CA ASP B 185 11.20 18.44 -24.23
C ASP B 185 11.67 17.69 -22.99
N GLY B 186 11.41 16.37 -22.93
CA GLY B 186 11.86 15.47 -21.85
C GLY B 186 10.92 15.44 -20.67
N LEU B 187 9.74 16.07 -20.77
CA LEU B 187 8.74 16.16 -19.67
C LEU B 187 8.33 14.77 -19.19
N GLU B 188 8.13 13.83 -20.13
CA GLU B 188 7.57 12.48 -19.85
C GLU B 188 8.64 11.58 -19.19
N TYR B 189 9.88 12.08 -19.01
CA TYR B 189 11.00 11.33 -18.39
C TYR B 189 11.48 12.01 -17.10
N LYS B 190 10.82 13.10 -16.64
CA LYS B 190 11.35 13.97 -15.55
C LYS B 190 10.94 13.47 -14.17
N LEU B 191 9.88 12.67 -14.05
CA LEU B 191 9.48 12.00 -12.77
C LEU B 191 9.57 10.49 -12.95
N HIS B 192 10.62 9.88 -12.37
CA HIS B 192 11.00 8.45 -12.51
C HIS B 192 10.54 7.67 -11.26
N ASP B 193 9.87 6.53 -11.48
CA ASP B 193 9.33 5.64 -10.43
C ASP B 193 10.46 4.86 -9.77
N PHE B 194 10.69 5.09 -8.47
CA PHE B 194 11.75 4.47 -7.62
C PHE B 194 11.12 3.58 -6.55
N GLY B 195 9.81 3.35 -6.60
CA GLY B 195 9.02 2.92 -5.43
C GLY B 195 8.77 1.42 -5.34
N TYR B 196 9.56 0.58 -6.02
CA TYR B 196 9.37 -0.90 -6.01
C TYR B 196 9.55 -1.42 -4.58
N ARG B 197 10.65 -1.05 -3.91
CA ARG B 197 10.99 -1.53 -2.54
C ARG B 197 10.05 -0.91 -1.49
N GLY B 198 9.43 0.24 -1.80
CA GLY B 198 8.70 1.09 -0.83
C GLY B 198 7.21 0.81 -0.78
N VAL B 199 6.68 -0.11 -1.61
CA VAL B 199 5.23 -0.48 -1.62
C VAL B 199 5.00 -1.75 -0.79
N SER B 200 3.75 -2.06 -0.50
CA SER B 200 3.31 -3.08 0.49
C SER B 200 3.39 -4.51 -0.08
N SER B 201 3.45 -4.68 -1.40
CA SER B 201 3.41 -6.02 -2.05
C SER B 201 3.88 -5.95 -3.51
N GLN B 202 4.24 -7.11 -4.08
CA GLN B 202 4.54 -7.31 -5.52
C GLN B 202 3.35 -6.83 -6.36
N GLU B 203 2.13 -7.22 -5.98
CA GLU B 203 0.89 -6.88 -6.74
C GLU B 203 0.72 -5.37 -6.78
N THR B 204 0.79 -4.71 -5.61
CA THR B 204 0.72 -3.22 -5.48
C THR B 204 1.77 -2.57 -6.38
N ALA B 205 2.99 -3.10 -6.41
CA ALA B 205 4.11 -2.58 -7.23
C ALA B 205 3.69 -2.52 -8.71
N GLY B 206 3.14 -3.62 -9.23
CA GLY B 206 2.61 -3.72 -10.61
C GLY B 206 1.52 -2.69 -10.88
N ILE B 207 0.49 -2.62 -10.03
CA ILE B 207 -0.67 -1.70 -10.18
C ILE B 207 -0.16 -0.25 -10.18
N GLY B 208 0.66 0.10 -9.19
CA GLY B 208 1.14 1.48 -8.95
C GLY B 208 2.00 1.99 -10.08
N ALA B 209 3.00 1.21 -10.49
CA ALA B 209 3.93 1.54 -11.59
C ALA B 209 3.12 1.76 -12.87
N SER B 210 2.08 0.96 -13.09
CA SER B 210 1.21 1.03 -14.30
C SER B 210 0.45 2.36 -14.28
N ALA B 211 -0.05 2.78 -13.12
CA ALA B 211 -0.82 4.03 -12.93
C ALA B 211 0.07 5.26 -13.20
N HIS B 212 1.35 5.18 -12.84
CA HIS B 212 2.35 6.25 -13.07
C HIS B 212 2.62 6.38 -14.58
N LEU B 213 2.72 5.25 -15.29
CA LEU B 213 3.10 5.21 -16.73
C LEU B 213 1.95 5.76 -17.60
N VAL B 214 0.78 6.02 -17.03
CA VAL B 214 -0.33 6.74 -17.71
C VAL B 214 0.15 8.15 -18.09
N ASN B 215 1.08 8.72 -17.31
CA ASN B 215 1.50 10.14 -17.38
C ASN B 215 2.95 10.29 -17.83
N PHE B 216 3.83 9.33 -17.52
CA PHE B 216 5.30 9.40 -17.78
C PHE B 216 5.76 8.10 -18.44
N LYS B 217 7.03 8.06 -18.89
CA LYS B 217 7.62 6.90 -19.61
C LYS B 217 8.83 6.33 -18.86
N GLY B 218 9.24 6.92 -17.73
CA GLY B 218 10.42 6.53 -16.94
C GLY B 218 10.03 5.78 -15.67
N THR B 219 10.57 4.58 -15.47
CA THR B 219 10.24 3.67 -14.34
C THR B 219 11.40 2.71 -14.07
N ASP B 220 11.61 2.36 -12.79
CA ASP B 220 12.50 1.25 -12.34
C ASP B 220 11.67 0.11 -11.74
N THR B 221 10.36 0.29 -11.61
CA THR B 221 9.41 -0.72 -11.05
C THR B 221 8.98 -1.64 -12.20
N VAL B 222 9.79 -2.68 -12.47
CA VAL B 222 9.69 -3.59 -13.65
C VAL B 222 8.30 -4.25 -13.70
N ALA B 223 7.74 -4.60 -12.53
CA ALA B 223 6.43 -5.27 -12.37
C ALA B 223 5.36 -4.58 -13.21
N GLY B 224 5.42 -3.25 -13.37
CA GLY B 224 4.44 -2.45 -14.13
C GLY B 224 4.32 -2.87 -15.59
N LEU B 225 5.44 -3.29 -16.21
CA LEU B 225 5.54 -3.56 -17.67
C LEU B 225 4.67 -4.77 -18.05
N ALA B 226 4.71 -5.85 -17.28
CA ALA B 226 4.01 -7.12 -17.57
C ALA B 226 2.49 -6.96 -17.39
N LEU B 227 2.07 -6.18 -16.38
CA LEU B 227 0.65 -5.87 -16.11
C LEU B 227 0.05 -5.17 -17.33
N ILE B 228 0.74 -4.12 -17.83
CA ILE B 228 0.29 -3.30 -18.99
C ILE B 228 0.19 -4.21 -20.22
N LYS B 229 1.21 -5.02 -20.48
CA LYS B 229 1.27 -5.96 -21.64
C LYS B 229 0.08 -6.93 -21.60
N LYS B 230 -0.24 -7.45 -20.41
CA LYS B 230 -1.23 -8.55 -20.20
C LYS B 230 -2.67 -8.01 -20.21
N TYR B 231 -2.93 -6.83 -19.64
CA TYR B 231 -4.29 -6.34 -19.30
C TYR B 231 -4.71 -5.13 -20.16
N TYR B 232 -3.78 -4.43 -20.81
CA TYR B 232 -4.06 -3.16 -21.54
C TYR B 232 -3.47 -3.18 -22.96
N GLY B 233 -2.14 -3.29 -23.08
CA GLY B 233 -1.42 -3.39 -24.36
C GLY B 233 -0.96 -2.03 -24.87
N THR B 234 0.20 -2.01 -25.56
CA THR B 234 0.80 -0.82 -26.24
C THR B 234 1.29 -1.21 -27.63
N LYS B 235 1.11 -0.31 -28.61
CA LYS B 235 1.74 -0.35 -29.96
C LYS B 235 3.24 -0.61 -29.81
N ASP B 236 3.92 0.21 -28.98
CA ASP B 236 5.37 0.08 -28.66
C ASP B 236 5.61 -1.22 -27.90
N PRO B 237 6.85 -1.78 -27.93
CA PRO B 237 7.13 -3.05 -27.25
C PRO B 237 7.02 -2.98 -25.72
N VAL B 238 7.46 -1.86 -25.11
CA VAL B 238 7.32 -1.61 -23.65
C VAL B 238 6.78 -0.20 -23.42
N PRO B 239 5.95 -0.01 -22.36
CA PRO B 239 5.44 1.31 -22.01
C PRO B 239 6.41 2.20 -21.20
N GLY B 240 7.51 1.64 -20.68
CA GLY B 240 8.44 2.32 -19.76
C GLY B 240 9.89 1.98 -20.03
N TYR B 241 10.80 2.90 -19.70
CA TYR B 241 12.25 2.86 -20.04
C TYR B 241 13.09 3.28 -18.84
N SER B 242 14.36 2.87 -18.83
CA SER B 242 15.34 3.19 -17.75
C SER B 242 16.76 3.27 -18.33
N VAL B 243 17.72 3.66 -17.49
CA VAL B 243 19.16 3.84 -17.82
C VAL B 243 19.99 3.17 -16.73
N PRO B 244 21.26 2.79 -17.01
CA PRO B 244 22.18 2.33 -15.97
C PRO B 244 22.32 3.35 -14.81
N ALA B 245 22.39 2.86 -13.58
CA ALA B 245 22.54 3.71 -12.37
C ALA B 245 23.20 2.92 -11.23
N ALA B 246 24.00 3.61 -10.43
CA ALA B 246 24.69 3.06 -9.23
C ALA B 246 23.74 3.11 -8.03
N GLU B 247 23.99 2.23 -7.06
CA GLU B 247 23.46 2.34 -5.68
C GLU B 247 24.67 2.50 -4.75
N HIS B 248 24.43 2.67 -3.45
CA HIS B 248 25.49 2.87 -2.42
C HIS B 248 26.42 1.65 -2.40
N SER B 249 25.86 0.44 -2.57
CA SER B 249 26.63 -0.83 -2.55
C SER B 249 27.72 -0.81 -3.64
N THR B 250 27.41 -0.34 -4.87
CA THR B 250 28.32 -0.40 -6.04
C THR B 250 29.39 0.71 -5.96
N ILE B 251 29.21 1.70 -5.08
CA ILE B 251 30.26 2.72 -4.76
C ILE B 251 31.05 2.25 -3.52
N THR B 252 30.37 1.98 -2.41
CA THR B 252 31.00 1.74 -1.09
C THR B 252 31.80 0.42 -1.08
N ALA B 253 31.45 -0.54 -1.96
CA ALA B 253 32.14 -1.85 -2.09
C ALA B 253 33.62 -1.66 -2.43
N TRP B 254 33.99 -0.54 -3.06
CA TRP B 254 35.38 -0.23 -3.49
C TRP B 254 36.28 0.16 -2.29
N GLY B 255 35.68 0.44 -1.13
CA GLY B 255 36.39 0.95 0.06
C GLY B 255 36.31 2.47 0.14
N LYS B 256 36.33 3.01 1.36
CA LYS B 256 36.13 4.45 1.67
C LYS B 256 37.08 5.33 0.83
N ASP B 257 38.34 4.91 0.67
CA ASP B 257 39.42 5.73 0.08
C ASP B 257 39.51 5.54 -1.44
N HIS B 258 38.50 4.92 -2.08
CA HIS B 258 38.51 4.57 -3.52
C HIS B 258 37.18 4.96 -4.20
N GLU B 259 36.52 6.02 -3.72
CA GLU B 259 35.27 6.56 -4.33
C GLU B 259 35.57 6.99 -5.78
N LYS B 260 36.73 7.61 -6.02
CA LYS B 260 37.17 8.04 -7.38
C LYS B 260 37.29 6.82 -8.30
N ASP B 261 37.93 5.74 -7.81
CA ASP B 261 38.18 4.51 -8.62
C ASP B 261 36.84 3.91 -9.04
N ALA B 262 35.82 4.00 -8.17
CA ALA B 262 34.46 3.48 -8.39
C ALA B 262 33.77 4.29 -9.48
N PHE B 263 33.75 5.62 -9.33
CA PHE B 263 33.14 6.59 -10.29
C PHE B 263 33.71 6.34 -11.69
N GLU B 264 35.05 6.34 -11.81
CA GLU B 264 35.78 6.16 -13.09
C GLU B 264 35.38 4.83 -13.76
N HIS B 265 35.37 3.73 -13.01
CA HIS B 265 35.01 2.39 -13.53
C HIS B 265 33.58 2.41 -14.09
N ILE B 266 32.65 3.02 -13.36
CA ILE B 266 31.18 3.01 -13.70
C ILE B 266 30.93 3.84 -14.97
N VAL B 267 31.44 5.08 -15.03
CA VAL B 267 31.21 5.97 -16.21
C VAL B 267 31.89 5.38 -17.45
N THR B 268 32.99 4.64 -17.30
CA THR B 268 33.76 4.02 -18.41
C THR B 268 33.01 2.80 -18.95
N GLN B 269 32.40 2.00 -18.06
CA GLN B 269 31.58 0.81 -18.44
C GLN B 269 30.37 1.27 -19.25
N PHE B 270 29.74 2.37 -18.86
CA PHE B 270 28.54 2.96 -19.51
C PHE B 270 28.90 4.31 -20.14
N SER B 271 29.82 4.31 -21.10
CA SER B 271 30.44 5.51 -21.71
C SER B 271 29.54 6.10 -22.82
N SER B 272 28.73 5.24 -23.47
CA SER B 272 27.94 5.58 -24.69
C SER B 272 26.43 5.61 -24.39
N VAL B 273 26.02 5.48 -23.12
CA VAL B 273 24.59 5.60 -22.69
C VAL B 273 24.52 6.50 -21.46
N PRO B 274 23.34 7.09 -21.14
CA PRO B 274 23.19 7.91 -19.94
C PRO B 274 23.46 7.06 -18.69
N VAL B 275 24.18 7.60 -17.70
CA VAL B 275 24.54 6.85 -16.46
C VAL B 275 24.33 7.77 -15.25
N SER B 276 23.54 7.31 -14.28
CA SER B 276 23.29 7.96 -12.97
C SER B 276 24.25 7.38 -11.94
N VAL B 277 24.94 8.25 -11.19
CA VAL B 277 25.96 7.85 -10.18
C VAL B 277 25.67 8.59 -8.87
N VAL B 278 25.13 7.88 -7.88
CA VAL B 278 24.93 8.38 -6.49
C VAL B 278 26.29 8.83 -5.94
N SER B 279 26.37 10.05 -5.43
CA SER B 279 27.63 10.78 -5.14
C SER B 279 27.69 11.27 -3.69
N ASP B 280 26.81 10.79 -2.80
CA ASP B 280 26.66 11.31 -1.42
C ASP B 280 27.11 10.28 -0.37
N SER B 281 27.81 9.21 -0.76
CA SER B 281 28.20 8.08 0.13
C SER B 281 28.96 8.60 1.36
N TYR B 282 29.85 9.58 1.17
CA TYR B 282 30.75 10.14 2.22
C TYR B 282 30.60 11.67 2.29
N ASP B 283 30.64 12.37 1.14
CA ASP B 283 30.51 13.85 1.05
C ASP B 283 30.12 14.25 -0.38
N ILE B 284 28.83 14.56 -0.61
CA ILE B 284 28.26 14.96 -1.94
C ILE B 284 29.00 16.18 -2.50
N TYR B 285 29.35 17.15 -1.65
CA TYR B 285 29.91 18.47 -2.08
C TYR B 285 31.35 18.26 -2.56
N ASN B 286 32.12 17.42 -1.87
CA ASN B 286 33.48 16.99 -2.28
C ASN B 286 33.42 16.23 -3.61
N ALA B 287 32.44 15.33 -3.77
CA ALA B 287 32.28 14.48 -4.97
C ALA B 287 32.08 15.37 -6.21
N CYS B 288 31.18 16.35 -6.13
CA CYS B 288 30.85 17.28 -7.23
C CYS B 288 32.06 18.18 -7.55
N GLU B 289 32.66 18.82 -6.54
CA GLU B 289 33.67 19.89 -6.73
C GLU B 289 35.05 19.29 -7.06
N LYS B 290 35.48 18.22 -6.37
CA LYS B 290 36.88 17.71 -6.44
C LYS B 290 36.94 16.47 -7.37
N ILE B 291 36.09 15.47 -7.16
CA ILE B 291 36.17 14.17 -7.89
C ILE B 291 35.62 14.37 -9.31
N TRP B 292 34.33 14.70 -9.46
CA TRP B 292 33.70 15.00 -10.77
C TRP B 292 34.32 16.26 -11.38
N GLY B 293 34.53 17.30 -10.55
CA GLY B 293 34.85 18.68 -10.97
C GLY B 293 36.31 18.88 -11.34
N GLU B 294 37.22 18.04 -10.85
CA GLU B 294 38.68 18.14 -11.14
C GLU B 294 39.23 16.78 -11.59
N ASP B 295 39.25 15.79 -10.67
CA ASP B 295 39.98 14.50 -10.86
C ASP B 295 39.48 13.79 -12.13
N LEU B 296 38.16 13.73 -12.33
CA LEU B 296 37.50 12.94 -13.42
C LEU B 296 36.84 13.85 -14.46
N ARG B 297 37.07 15.17 -14.38
CA ARG B 297 36.50 16.18 -15.30
C ARG B 297 36.64 15.73 -16.76
N HIS B 298 37.81 15.18 -17.11
CA HIS B 298 38.22 14.82 -18.50
C HIS B 298 37.35 13.68 -19.07
N LEU B 299 36.74 12.85 -18.22
CA LEU B 299 35.84 11.73 -18.63
C LEU B 299 34.40 12.23 -18.84
N ILE B 300 34.04 13.38 -18.27
CA ILE B 300 32.65 13.95 -18.31
C ILE B 300 32.49 14.78 -19.59
N VAL B 301 33.42 15.72 -19.82
CA VAL B 301 33.33 16.76 -20.90
C VAL B 301 33.43 16.10 -22.28
N SER B 302 33.89 14.85 -22.37
CA SER B 302 34.08 14.09 -23.63
C SER B 302 32.83 13.30 -24.02
N ARG B 303 31.81 13.26 -23.14
CA ARG B 303 30.59 12.41 -23.31
C ARG B 303 29.62 13.08 -24.29
N SER B 304 28.79 12.28 -24.97
CA SER B 304 27.81 12.73 -26.00
C SER B 304 26.56 13.30 -25.31
N THR B 305 25.81 14.13 -26.05
CA THR B 305 24.53 14.74 -25.62
C THR B 305 23.49 13.65 -25.36
N GLN B 306 23.64 12.47 -25.97
CA GLN B 306 22.72 11.31 -25.85
C GLN B 306 23.14 10.40 -24.67
N ALA B 307 24.25 10.70 -24.00
CA ALA B 307 24.84 9.86 -22.92
C ALA B 307 25.47 10.73 -21.85
N PRO B 308 24.70 11.62 -21.17
CA PRO B 308 25.24 12.43 -20.10
C PRO B 308 25.58 11.65 -18.81
N LEU B 309 26.49 12.18 -18.00
CA LEU B 309 26.59 11.87 -16.55
C LEU B 309 25.43 12.56 -15.83
N ILE B 310 24.66 11.80 -15.05
CA ILE B 310 23.59 12.34 -14.17
C ILE B 310 24.04 12.12 -12.71
N ILE B 311 24.39 13.21 -12.04
CA ILE B 311 24.86 13.24 -10.62
C ILE B 311 23.63 13.13 -9.71
N ARG B 312 23.67 12.22 -8.72
CA ARG B 312 22.53 11.92 -7.81
C ARG B 312 22.93 12.20 -6.37
N PRO B 313 22.46 13.32 -5.78
CA PRO B 313 22.42 13.46 -4.31
C PRO B 313 21.29 12.57 -3.74
N ASP B 314 21.41 12.13 -2.48
CA ASP B 314 20.44 11.21 -1.84
C ASP B 314 20.40 11.43 -0.32
N SER B 315 20.67 12.64 0.16
CA SER B 315 20.70 12.99 1.61
C SER B 315 20.68 14.52 1.81
N GLY B 316 20.25 14.98 2.99
CA GLY B 316 20.14 16.40 3.35
C GLY B 316 18.83 17.02 2.88
N ASN B 317 18.59 18.29 3.23
CA ASN B 317 17.40 19.06 2.78
C ASN B 317 17.36 19.04 1.26
N PRO B 318 16.29 18.48 0.63
CA PRO B 318 16.23 18.32 -0.81
C PRO B 318 16.49 19.61 -1.60
N LEU B 319 15.80 20.70 -1.27
CA LEU B 319 15.96 22.01 -1.96
C LEU B 319 17.40 22.51 -1.81
N ASP B 320 17.88 22.64 -0.57
CA ASP B 320 19.22 23.21 -0.24
C ASP B 320 20.33 22.41 -0.94
N THR B 321 20.20 21.08 -0.99
CA THR B 321 21.23 20.17 -1.56
C THR B 321 21.29 20.36 -3.08
N VAL B 322 20.13 20.43 -3.74
CA VAL B 322 20.00 20.61 -5.21
C VAL B 322 20.61 21.96 -5.61
N LEU B 323 20.27 23.04 -4.90
CA LEU B 323 20.76 24.41 -5.20
C LEU B 323 22.28 24.48 -5.06
N LYS B 324 22.84 23.83 -4.04
CA LYS B 324 24.31 23.85 -3.74
C LYS B 324 25.05 22.97 -4.76
N VAL B 325 24.53 21.79 -5.09
CA VAL B 325 25.15 20.89 -6.13
C VAL B 325 25.25 21.66 -7.45
N LEU B 326 24.18 22.37 -7.85
CA LEU B 326 24.11 23.14 -9.11
C LEU B 326 25.12 24.30 -9.09
N GLU B 327 25.16 25.06 -7.98
CA GLU B 327 26.12 26.18 -7.79
C GLU B 327 27.55 25.64 -7.90
N ILE B 328 27.86 24.50 -7.26
CA ILE B 328 29.19 23.83 -7.35
C ILE B 328 29.50 23.52 -8.82
N LEU B 329 28.60 22.81 -9.52
CA LEU B 329 28.82 22.32 -10.90
C LEU B 329 28.88 23.48 -11.90
N GLY B 330 28.11 24.55 -11.65
CA GLY B 330 28.09 25.76 -12.50
C GLY B 330 29.45 26.45 -12.56
N LYS B 331 30.26 26.32 -11.50
CA LYS B 331 31.58 26.98 -11.36
C LYS B 331 32.70 26.06 -11.88
N LYS B 332 32.45 24.76 -12.06
CA LYS B 332 33.47 23.77 -12.51
C LYS B 332 33.25 23.41 -13.98
N PHE B 333 32.08 23.71 -14.55
CA PHE B 333 31.68 23.32 -15.93
C PHE B 333 31.16 24.53 -16.71
N PRO B 334 31.29 24.53 -18.05
CA PRO B 334 30.87 25.67 -18.86
C PRO B 334 29.34 25.82 -18.90
N VAL B 335 28.82 26.78 -18.11
CA VAL B 335 27.36 27.06 -17.96
C VAL B 335 26.95 28.04 -19.06
N THR B 336 25.80 27.80 -19.70
CA THR B 336 25.20 28.67 -20.74
C THR B 336 23.94 29.34 -20.17
N GLU B 337 23.38 30.30 -20.93
CA GLU B 337 22.14 31.03 -20.59
C GLU B 337 21.17 30.88 -21.76
N ASN B 338 20.03 30.21 -21.54
CA ASN B 338 19.03 29.87 -22.59
C ASN B 338 18.24 31.12 -22.97
N SER B 339 17.31 30.98 -23.93
CA SER B 339 16.50 32.05 -24.54
C SER B 339 15.82 32.92 -23.48
N LYS B 340 15.45 32.34 -22.33
CA LYS B 340 14.56 32.98 -21.33
C LYS B 340 15.36 33.51 -20.12
N GLY B 341 16.69 33.37 -20.14
CA GLY B 341 17.61 33.99 -19.15
C GLY B 341 18.00 33.04 -18.03
N TYR B 342 17.68 31.74 -18.15
CA TYR B 342 17.93 30.72 -17.10
C TYR B 342 19.20 29.95 -17.46
N LYS B 343 19.92 29.47 -16.43
CA LYS B 343 21.26 28.85 -16.55
C LYS B 343 21.10 27.36 -16.85
N LEU B 344 21.96 26.84 -17.72
CA LEU B 344 21.90 25.47 -18.25
C LEU B 344 23.31 24.86 -18.22
N LEU B 345 23.45 23.71 -17.56
CA LEU B 345 24.70 22.90 -17.59
C LEU B 345 24.93 22.45 -19.03
N PRO B 346 26.18 22.09 -19.42
CA PRO B 346 26.43 21.55 -20.75
C PRO B 346 25.66 20.24 -20.90
N PRO B 347 25.31 19.83 -22.15
CA PRO B 347 24.39 18.72 -22.37
C PRO B 347 24.84 17.35 -21.85
N TYR B 348 26.14 17.19 -21.54
CA TYR B 348 26.74 15.93 -21.05
C TYR B 348 26.62 15.81 -19.51
N LEU B 349 26.00 16.79 -18.84
CA LEU B 349 25.91 16.85 -17.35
C LEU B 349 24.50 17.25 -16.91
N ARG B 350 23.84 16.39 -16.13
CA ARG B 350 22.47 16.61 -15.57
C ARG B 350 22.44 16.14 -14.11
N VAL B 351 21.37 16.48 -13.39
CA VAL B 351 21.16 16.14 -11.94
C VAL B 351 19.83 15.38 -11.79
N ILE B 352 19.76 14.47 -10.83
CA ILE B 352 18.48 13.84 -10.36
C ILE B 352 18.47 13.84 -8.83
N GLN B 353 17.37 14.34 -8.24
CA GLN B 353 17.07 14.30 -6.78
C GLN B 353 16.10 13.13 -6.55
N GLY B 354 16.54 12.07 -5.87
CA GLY B 354 15.77 10.82 -5.69
C GLY B 354 15.47 10.51 -4.23
N ASP B 355 15.50 11.53 -3.37
CA ASP B 355 15.28 11.41 -1.90
C ASP B 355 14.27 12.46 -1.43
N GLY B 356 13.21 12.02 -0.75
CA GLY B 356 12.22 12.91 -0.08
C GLY B 356 11.34 13.65 -1.06
N VAL B 357 11.14 13.09 -2.26
CA VAL B 357 10.35 13.73 -3.35
C VAL B 357 8.90 13.25 -3.26
N ASP B 358 8.00 14.16 -2.93
CA ASP B 358 6.53 14.02 -3.06
C ASP B 358 6.04 15.26 -3.82
N ILE B 359 4.73 15.35 -4.09
CA ILE B 359 4.11 16.48 -4.84
C ILE B 359 4.49 17.82 -4.17
N ASN B 360 4.63 17.84 -2.84
CA ASN B 360 4.89 19.09 -2.07
C ASN B 360 6.35 19.53 -2.25
N THR B 361 7.32 18.63 -2.06
CA THR B 361 8.77 18.95 -2.15
C THR B 361 9.14 19.21 -3.61
N LEU B 362 8.51 18.49 -4.56
CA LEU B 362 8.68 18.72 -6.02
C LEU B 362 8.44 20.20 -6.33
N GLN B 363 7.28 20.73 -5.92
CA GLN B 363 6.87 22.15 -6.09
C GLN B 363 7.88 23.08 -5.42
N GLU B 364 8.39 22.70 -4.23
CA GLU B 364 9.36 23.48 -3.43
C GLU B 364 10.65 23.69 -4.23
N ILE B 365 11.17 22.59 -4.82
CA ILE B 365 12.50 22.53 -5.48
C ILE B 365 12.45 23.35 -6.79
N VAL B 366 11.46 23.11 -7.66
CA VAL B 366 11.39 23.78 -9.00
C VAL B 366 11.21 25.29 -8.81
N GLU B 367 10.41 25.71 -7.81
CA GLU B 367 10.21 27.15 -7.48
C GLU B 367 11.54 27.72 -6.97
N GLY B 368 12.23 26.98 -6.10
CA GLY B 368 13.57 27.33 -5.57
C GLY B 368 14.61 27.48 -6.67
N MET B 369 14.65 26.52 -7.61
CA MET B 369 15.56 26.54 -8.78
C MET B 369 15.25 27.77 -9.66
N LYS B 370 13.97 28.07 -9.88
CA LYS B 370 13.49 29.23 -10.69
C LYS B 370 14.00 30.53 -10.06
N GLN B 371 13.93 30.66 -8.72
CA GLN B 371 14.32 31.89 -7.98
C GLN B 371 15.82 32.13 -8.11
N LYS B 372 16.62 31.08 -8.32
CA LYS B 372 18.10 31.15 -8.47
C LYS B 372 18.49 31.03 -9.95
N MET B 373 17.53 31.17 -10.88
CA MET B 373 17.74 31.32 -12.34
C MET B 373 18.36 30.04 -12.94
N TRP B 374 18.03 28.86 -12.39
CA TRP B 374 18.39 27.54 -12.96
C TRP B 374 17.19 27.00 -13.74
N SER B 375 17.39 26.59 -15.00
CA SER B 375 16.36 25.91 -15.83
C SER B 375 16.03 24.54 -15.22
N ILE B 376 14.78 24.10 -15.38
CA ILE B 376 14.28 22.76 -14.98
C ILE B 376 14.83 21.72 -15.96
N GLU B 377 15.37 22.16 -17.11
CA GLU B 377 16.10 21.30 -18.09
C GLU B 377 17.22 20.53 -17.39
N ASN B 378 17.81 21.14 -16.35
CA ASN B 378 19.02 20.65 -15.63
C ASN B 378 18.74 19.37 -14.84
N ILE B 379 17.49 19.17 -14.40
CA ILE B 379 17.14 18.22 -13.31
C ILE B 379 16.01 17.27 -13.74
N ALA B 380 16.02 16.05 -13.20
CA ALA B 380 14.88 15.10 -13.18
C ALA B 380 14.71 14.60 -11.75
N PHE B 381 13.55 14.03 -11.43
CA PHE B 381 13.17 13.59 -10.06
C PHE B 381 12.95 12.08 -10.04
N GLY B 382 13.42 11.45 -8.97
CA GLY B 382 13.08 10.08 -8.57
C GLY B 382 12.21 10.09 -7.32
N SER B 383 11.05 9.44 -7.38
CA SER B 383 10.08 9.33 -6.27
C SER B 383 9.70 7.86 -6.09
N GLY B 384 9.75 7.36 -4.85
CA GLY B 384 9.39 5.98 -4.49
C GLY B 384 8.14 5.94 -3.62
N GLY B 385 8.30 6.16 -2.31
CA GLY B 385 7.20 6.17 -1.33
C GLY B 385 6.21 7.27 -1.61
N GLY B 386 6.70 8.48 -1.92
CA GLY B 386 5.86 9.63 -2.31
C GLY B 386 4.97 9.32 -3.51
N LEU B 387 5.45 8.48 -4.44
CA LEU B 387 4.73 8.18 -5.71
C LEU B 387 3.72 7.05 -5.52
N LEU B 388 4.10 5.95 -4.85
CA LEU B 388 3.35 4.66 -4.89
C LEU B 388 2.80 4.22 -3.51
N GLN B 389 3.28 4.76 -2.39
CA GLN B 389 2.88 4.22 -1.05
C GLN B 389 2.16 5.29 -0.21
N LYS B 390 2.67 6.53 -0.15
CA LYS B 390 2.14 7.59 0.75
C LYS B 390 0.84 8.16 0.16
N LEU B 391 -0.16 7.29 -0.02
CA LEU B 391 -1.51 7.64 -0.54
C LEU B 391 -2.55 6.77 0.18
N THR B 392 -3.75 7.32 0.42
CA THR B 392 -4.89 6.62 1.08
C THR B 392 -6.15 6.80 0.25
N ARG B 393 -7.19 6.03 0.60
CA ARG B 393 -8.56 6.13 0.03
C ARG B 393 -9.17 7.49 0.41
N ASP B 394 -8.64 8.16 1.44
CA ASP B 394 -9.15 9.46 1.98
C ASP B 394 -8.76 10.65 1.07
N LEU B 395 -7.66 10.56 0.32
CA LEU B 395 -7.12 11.72 -0.45
C LEU B 395 -8.17 12.25 -1.43
N LEU B 396 -8.83 11.38 -2.20
CA LEU B 396 -9.84 11.75 -3.22
C LEU B 396 -11.25 11.34 -2.75
N ASN B 397 -11.39 10.87 -1.50
CA ASN B 397 -12.67 10.39 -0.93
C ASN B 397 -13.33 9.39 -1.90
N CYS B 398 -12.57 8.38 -2.31
CA CYS B 398 -13.03 7.23 -3.13
C CYS B 398 -14.04 6.42 -2.30
N SER B 399 -15.25 6.22 -2.83
CA SER B 399 -16.42 5.73 -2.05
C SER B 399 -17.41 5.01 -2.98
N PHE B 400 -18.04 3.97 -2.45
CA PHE B 400 -19.03 3.08 -3.12
C PHE B 400 -20.28 3.05 -2.24
N LYS B 401 -21.46 3.42 -2.78
CA LYS B 401 -22.72 3.50 -2.01
C LYS B 401 -23.91 3.02 -2.87
N CYS B 402 -24.91 2.42 -2.22
CA CYS B 402 -26.23 2.08 -2.80
C CYS B 402 -27.06 3.35 -2.96
N SER B 403 -27.59 3.59 -4.17
CA SER B 403 -28.41 4.80 -4.52
C SER B 403 -29.84 4.40 -4.94
N TYR B 404 -30.11 3.13 -5.23
CA TYR B 404 -31.40 2.67 -5.82
C TYR B 404 -31.61 1.19 -5.52
N VAL B 405 -32.78 0.84 -4.97
CA VAL B 405 -33.24 -0.57 -4.79
C VAL B 405 -34.66 -0.71 -5.37
N VAL B 406 -35.05 -1.95 -5.67
CA VAL B 406 -36.45 -2.34 -6.02
C VAL B 406 -36.89 -3.37 -4.98
N THR B 407 -37.83 -2.99 -4.10
CA THR B 407 -38.46 -3.86 -3.08
C THR B 407 -39.97 -3.92 -3.35
N ASN B 408 -40.55 -5.12 -3.35
CA ASN B 408 -41.99 -5.38 -3.64
C ASN B 408 -42.38 -4.76 -4.98
N GLY B 409 -41.50 -4.86 -5.98
CA GLY B 409 -41.71 -4.37 -7.35
C GLY B 409 -41.62 -2.85 -7.48
N LEU B 410 -41.32 -2.14 -6.38
CA LEU B 410 -41.30 -0.65 -6.33
C LEU B 410 -39.87 -0.15 -6.15
N GLY B 411 -39.36 0.59 -7.14
CA GLY B 411 -38.05 1.27 -7.07
C GLY B 411 -38.07 2.41 -6.06
N ILE B 412 -37.05 2.50 -5.20
CA ILE B 412 -36.88 3.61 -4.23
C ILE B 412 -35.49 4.26 -4.41
N ASN B 413 -35.46 5.59 -4.39
CA ASN B 413 -34.24 6.43 -4.37
C ASN B 413 -33.71 6.48 -2.94
N VAL B 414 -32.45 6.09 -2.76
CA VAL B 414 -31.84 5.71 -1.45
C VAL B 414 -30.49 6.42 -1.29
N PHE B 415 -30.11 6.77 -0.06
CA PHE B 415 -28.94 7.63 0.24
C PHE B 415 -28.66 7.67 1.74
N LYS B 416 -27.45 8.11 2.10
CA LYS B 416 -27.07 8.51 3.49
C LYS B 416 -26.88 10.03 3.51
N ASP B 417 -27.11 10.67 4.66
CA ASP B 417 -27.00 12.14 4.85
C ASP B 417 -26.67 12.43 6.32
N PRO B 418 -25.46 12.06 6.81
CA PRO B 418 -25.13 12.19 8.23
C PRO B 418 -25.19 13.65 8.71
N VAL B 419 -25.80 13.86 9.89
CA VAL B 419 -26.11 15.19 10.47
C VAL B 419 -24.82 15.99 10.69
N ALA B 420 -23.75 15.33 11.12
CA ALA B 420 -22.49 15.97 11.59
C ALA B 420 -21.45 16.06 10.46
N ASP B 421 -21.77 15.61 9.25
CA ASP B 421 -20.85 15.67 8.08
C ASP B 421 -21.63 15.66 6.78
N PRO B 422 -22.08 16.85 6.28
CA PRO B 422 -22.71 16.97 4.96
C PRO B 422 -21.84 16.49 3.79
N ASN B 423 -20.53 16.42 3.97
CA ASN B 423 -19.57 16.02 2.91
C ASN B 423 -19.68 14.51 2.65
N LYS B 424 -20.37 13.74 3.51
CA LYS B 424 -20.57 12.27 3.36
C LYS B 424 -21.95 11.96 2.78
N ARG B 425 -22.74 12.98 2.44
CA ARG B 425 -24.05 12.84 1.74
C ARG B 425 -23.80 12.07 0.44
N SER B 426 -24.63 11.07 0.12
CA SER B 426 -24.54 10.25 -1.11
C SER B 426 -25.67 10.64 -2.09
N LYS B 427 -25.48 10.30 -3.37
CA LYS B 427 -26.39 10.64 -4.49
C LYS B 427 -27.60 9.70 -4.46
N LYS B 428 -28.74 10.17 -5.01
CA LYS B 428 -30.07 9.50 -4.97
C LYS B 428 -30.39 8.85 -6.31
N GLY B 429 -30.91 7.61 -6.29
CA GLY B 429 -31.55 6.95 -7.44
C GLY B 429 -30.56 6.56 -8.52
N ARG B 430 -31.07 6.20 -9.70
CA ARG B 430 -30.28 5.76 -10.88
C ARG B 430 -29.50 6.96 -11.43
N LEU B 431 -28.21 6.78 -11.67
CA LEU B 431 -27.26 7.87 -12.01
C LEU B 431 -26.83 7.76 -13.48
N SER B 432 -26.40 8.88 -14.04
CA SER B 432 -26.03 9.06 -15.46
C SER B 432 -25.04 10.23 -15.56
N LEU B 433 -23.98 10.08 -16.36
CA LEU B 433 -22.94 11.13 -16.58
C LEU B 433 -23.17 11.78 -17.94
N HIS B 434 -23.20 13.13 -17.98
CA HIS B 434 -23.56 13.91 -19.19
C HIS B 434 -22.60 15.08 -19.42
N ARG B 435 -22.51 15.50 -20.68
CA ARG B 435 -21.82 16.73 -21.15
C ARG B 435 -22.78 17.91 -20.93
N THR B 436 -22.34 18.95 -20.24
CA THR B 436 -23.08 20.23 -20.07
C THR B 436 -23.00 21.01 -21.37
N PRO B 437 -23.84 22.05 -21.60
CA PRO B 437 -23.75 22.85 -22.82
C PRO B 437 -22.43 23.62 -22.98
N ALA B 438 -21.69 23.85 -21.89
CA ALA B 438 -20.38 24.53 -21.85
C ALA B 438 -19.22 23.52 -21.99
N GLY B 439 -19.54 22.23 -22.07
CA GLY B 439 -18.56 21.15 -22.35
C GLY B 439 -17.96 20.53 -21.09
N ASN B 440 -18.59 20.71 -19.93
CA ASN B 440 -18.16 20.10 -18.64
C ASN B 440 -19.01 18.85 -18.37
N PHE B 441 -18.81 18.23 -17.20
CA PHE B 441 -19.54 17.01 -16.76
C PHE B 441 -20.56 17.38 -15.68
N VAL B 442 -21.67 16.65 -15.67
CA VAL B 442 -22.70 16.67 -14.60
C VAL B 442 -23.20 15.23 -14.41
N THR B 443 -23.45 14.84 -13.16
CA THR B 443 -24.13 13.57 -12.80
C THR B 443 -25.60 13.88 -12.50
N LEU B 444 -26.52 13.35 -13.30
CA LEU B 444 -27.99 13.45 -13.09
C LEU B 444 -28.42 12.32 -12.16
N GLU B 445 -29.21 12.65 -11.14
CA GLU B 445 -29.73 11.71 -10.11
C GLU B 445 -31.19 11.41 -10.42
N GLU B 446 -31.78 10.44 -9.73
CA GLU B 446 -33.24 10.14 -9.70
C GLU B 446 -33.73 9.74 -11.09
N GLY B 447 -32.86 9.13 -11.91
CA GLY B 447 -33.19 8.61 -13.26
C GLY B 447 -33.42 9.71 -14.29
N LYS B 448 -33.10 10.96 -13.94
CA LYS B 448 -33.48 12.18 -14.73
C LYS B 448 -32.76 12.20 -16.08
N GLY B 449 -31.75 11.36 -16.30
CA GLY B 449 -31.08 11.19 -17.60
C GLY B 449 -32.02 10.65 -18.67
N ASP B 450 -33.12 10.01 -18.28
CA ASP B 450 -34.13 9.40 -19.20
C ASP B 450 -34.92 10.49 -19.92
N LEU B 451 -35.00 11.70 -19.34
CA LEU B 451 -35.66 12.88 -19.97
C LEU B 451 -34.84 13.36 -21.18
N GLU B 452 -33.57 12.98 -21.29
CA GLU B 452 -32.69 13.21 -22.47
C GLU B 452 -32.59 14.72 -22.76
N GLU B 453 -32.56 15.54 -21.71
CA GLU B 453 -32.36 17.01 -21.79
C GLU B 453 -30.85 17.31 -21.91
N TYR B 454 -30.01 16.35 -21.56
CA TYR B 454 -28.52 16.47 -21.50
C TYR B 454 -27.85 15.46 -22.44
N GLY B 455 -28.56 14.97 -23.46
CA GLY B 455 -28.00 14.00 -24.44
C GLY B 455 -27.74 12.65 -23.80
N GLN B 456 -26.80 11.88 -24.36
CA GLN B 456 -26.61 10.43 -24.05
C GLN B 456 -25.69 10.29 -22.83
N ASP B 457 -25.92 9.23 -22.05
CA ASP B 457 -25.09 8.79 -20.89
C ASP B 457 -23.66 8.50 -21.40
N LEU B 458 -22.63 9.03 -20.74
CA LEU B 458 -21.22 8.85 -21.14
C LEU B 458 -20.62 7.57 -20.52
N LEU B 459 -21.31 6.91 -19.58
CA LEU B 459 -20.90 5.58 -19.05
C LEU B 459 -21.21 4.53 -20.13
N HIS B 460 -20.28 3.58 -20.35
CA HIS B 460 -20.50 2.38 -21.20
C HIS B 460 -20.55 1.12 -20.33
N THR B 461 -21.39 0.15 -20.69
CA THR B 461 -21.35 -1.23 -20.15
C THR B 461 -19.95 -1.80 -20.44
N VAL B 462 -19.19 -2.13 -19.38
CA VAL B 462 -17.82 -2.72 -19.48
C VAL B 462 -17.86 -4.18 -19.02
N PHE B 463 -18.88 -4.58 -18.24
CA PHE B 463 -19.03 -5.95 -17.69
C PHE B 463 -20.52 -6.31 -17.61
N LYS B 464 -20.85 -7.55 -18.01
CA LYS B 464 -22.23 -8.10 -17.98
C LYS B 464 -22.17 -9.63 -17.97
N ASN B 465 -22.76 -10.25 -16.94
CA ASN B 465 -23.00 -11.72 -16.84
C ASN B 465 -21.70 -12.48 -17.10
N GLY B 466 -20.60 -12.05 -16.46
CA GLY B 466 -19.31 -12.76 -16.42
C GLY B 466 -18.41 -12.46 -17.62
N LYS B 467 -18.82 -11.57 -18.53
CA LYS B 467 -18.05 -11.23 -19.75
C LYS B 467 -17.66 -9.75 -19.72
N VAL B 468 -16.40 -9.45 -20.10
CA VAL B 468 -15.89 -8.06 -20.32
C VAL B 468 -16.34 -7.63 -21.72
N THR B 469 -17.13 -6.56 -21.79
CA THR B 469 -17.90 -6.14 -23.00
C THR B 469 -17.28 -4.91 -23.66
N LYS B 470 -16.26 -4.30 -23.05
CA LYS B 470 -15.56 -3.11 -23.60
C LYS B 470 -14.23 -2.89 -22.87
N SER B 471 -13.15 -2.71 -23.63
CA SER B 471 -11.75 -2.59 -23.16
C SER B 471 -11.05 -1.40 -23.84
N TYR B 472 -9.94 -0.93 -23.26
CA TYR B 472 -9.13 0.21 -23.77
C TYR B 472 -7.66 -0.19 -23.76
N SER B 473 -6.94 0.12 -24.84
CA SER B 473 -5.45 -0.04 -24.91
C SER B 473 -4.81 1.00 -23.98
N PHE B 474 -3.57 0.76 -23.56
CA PHE B 474 -2.80 1.71 -22.71
C PHE B 474 -2.55 2.99 -23.51
N ASP B 475 -2.51 2.88 -24.86
CA ASP B 475 -2.30 4.02 -25.79
C ASP B 475 -3.50 4.97 -25.71
N GLU B 476 -4.72 4.43 -25.82
N GLU B 476 -4.73 4.47 -25.77
CA GLU B 476 -6.00 5.19 -25.68
CA GLU B 476 -5.95 5.32 -25.71
C GLU B 476 -6.00 5.92 -24.34
C GLU B 476 -6.06 5.95 -24.31
N ILE B 477 -5.71 5.20 -23.25
CA ILE B 477 -5.72 5.71 -21.85
C ILE B 477 -4.76 6.89 -21.72
N ARG B 478 -3.56 6.77 -22.30
CA ARG B 478 -2.53 7.85 -22.31
C ARG B 478 -3.08 9.08 -23.03
N LYS B 479 -3.70 8.88 -24.20
CA LYS B 479 -4.28 9.97 -25.03
C LYS B 479 -5.35 10.71 -24.21
N ASN B 480 -6.23 9.97 -23.53
CA ASN B 480 -7.34 10.52 -22.71
C ASN B 480 -6.79 11.33 -21.54
N ALA B 481 -5.62 10.94 -21.01
CA ALA B 481 -5.02 11.47 -19.76
C ALA B 481 -4.06 12.65 -20.04
N GLN B 482 -3.91 13.07 -21.31
CA GLN B 482 -3.04 14.19 -21.75
C GLN B 482 -3.38 15.48 -20.97
N LEU B 483 -2.38 16.34 -20.79
CA LEU B 483 -2.53 17.69 -20.21
C LEU B 483 -3.15 18.63 -21.25
N ASN B 484 -3.80 19.70 -20.79
CA ASN B 484 -4.39 20.77 -21.64
C ASN B 484 -3.27 21.42 -22.47
N ILE B 485 -2.57 22.41 -21.91
CA ILE B 485 -1.47 23.18 -22.57
C ILE B 485 -1.78 23.34 -24.06
#